data_1CFM
#
_entry.id   1CFM
#
_cell.length_a   75.624
_cell.length_b   94.943
_cell.length_c   119.920
_cell.angle_alpha   90.00
_cell.angle_beta   90.00
_cell.angle_gamma   90.00
#
_symmetry.space_group_name_H-M   'P 21 21 21'
#
loop_
_entity.id
_entity.type
_entity.pdbx_description
1 polymer 'CYTOCHROME F'
2 non-polymer 'PROTOPORPHYRIN IX CONTAINING FE'
3 water water
#
_entity_poly.entity_id   1
_entity_poly.type   'polypeptide(L)'
_entity_poly.pdbx_seq_one_letter_code
;YPVFAQQNYANPREANGRIVCANCHLAQKAVEIEVPQAVLPDTVFEAVIELPYDKQVKQVLANGKKGDLNVGMVLILPEG
FELAPPDRVPAEIKEKVGNLYYQPYSPEQKNILVVGPVPGKKYSEMVVPILSPDPAKNKNVSYLKYPIYFGGNRGRGQVY
PDGKKSNNTIYNASAAGKIVAITALSEKKGGFEVSIEKANGEVVVDKIPAGPDLIVKEGQTVQADQPLTNNPNVGGFGQA
ETEIVLQNPAR
;
_entity_poly.pdbx_strand_id   A,B,C
#
loop_
_chem_comp.id
_chem_comp.type
_chem_comp.name
_chem_comp.formula
HEM non-polymer 'PROTOPORPHYRIN IX CONTAINING FE' 'C34 H32 Fe N4 O4'
#
# COMPACT_ATOMS: atom_id res chain seq x y z
N TYR A 1 -13.15 1.10 -2.48
CA TYR A 1 -12.02 1.22 -3.44
C TYR A 1 -10.78 1.60 -2.64
N PRO A 2 -9.62 1.60 -3.30
CA PRO A 2 -8.44 2.00 -2.53
C PRO A 2 -8.71 3.38 -1.95
N VAL A 3 -9.51 4.17 -2.66
CA VAL A 3 -9.81 5.52 -2.18
C VAL A 3 -10.65 5.45 -0.91
N PHE A 4 -11.41 4.38 -0.73
CA PHE A 4 -12.20 4.23 0.49
C PHE A 4 -11.27 3.94 1.66
N ALA A 5 -10.21 3.19 1.39
CA ALA A 5 -9.23 2.87 2.42
C ALA A 5 -8.54 4.16 2.82
N GLN A 6 -8.05 4.88 1.81
CA GLN A 6 -7.36 6.15 2.00
C GLN A 6 -8.17 7.18 2.79
N GLN A 7 -9.44 7.34 2.43
CA GLN A 7 -10.28 8.33 3.09
C GLN A 7 -10.75 7.92 4.48
N ASN A 8 -10.61 6.64 4.81
CA ASN A 8 -11.07 6.18 6.12
C ASN A 8 -10.04 5.51 7.02
N TYR A 9 -8.82 5.30 6.51
CA TYR A 9 -7.77 4.69 7.31
C TYR A 9 -6.42 5.34 7.00
N ALA A 10 -5.75 5.85 8.02
CA ALA A 10 -4.45 6.48 7.84
C ALA A 10 -3.40 5.42 7.54
N ASN A 11 -3.53 4.26 8.16
CA ASN A 11 -2.60 3.16 7.94
C ASN A 11 -3.39 1.98 7.38
N PRO A 12 -3.08 1.56 6.14
CA PRO A 12 -3.77 0.44 5.50
C PRO A 12 -3.46 -0.92 6.13
N ARG A 13 -2.44 -0.98 6.98
CA ARG A 13 -2.07 -2.24 7.63
C ARG A 13 -2.22 -2.15 9.14
N GLU A 14 -3.13 -2.94 9.68
CA GLU A 14 -3.40 -2.96 11.11
C GLU A 14 -2.30 -3.72 11.86
N ALA A 15 -2.23 -3.51 13.17
CA ALA A 15 -1.23 -4.13 14.01
C ALA A 15 -0.98 -5.61 13.74
N ASN A 16 -2.05 -6.40 13.69
CA ASN A 16 -1.91 -7.83 13.48
C ASN A 16 -1.54 -8.20 12.04
N GLY A 17 -1.33 -7.18 11.21
CA GLY A 17 -0.96 -7.45 9.83
C GLY A 17 -2.11 -7.43 8.85
N ARG A 18 -3.34 -7.25 9.34
CA ARG A 18 -4.48 -7.23 8.44
C ARG A 18 -4.56 -5.92 7.67
N ILE A 19 -4.73 -6.01 6.36
CA ILE A 19 -4.86 -4.83 5.52
C ILE A 19 -6.33 -4.42 5.52
N VAL A 20 -6.57 -3.14 5.77
CA VAL A 20 -7.93 -2.60 5.88
C VAL A 20 -8.96 -2.93 4.81
N CYS A 21 -8.54 -3.36 3.63
CA CYS A 21 -9.51 -3.71 2.59
C CYS A 21 -10.44 -4.77 3.16
N ALA A 22 -9.87 -5.61 4.02
CA ALA A 22 -10.60 -6.70 4.65
C ALA A 22 -11.74 -6.27 5.55
N ASN A 23 -11.76 -4.99 5.93
CA ASN A 23 -12.83 -4.48 6.78
C ASN A 23 -14.13 -4.33 6.01
N CYS A 24 -14.06 -4.45 4.68
CA CYS A 24 -15.25 -4.30 3.84
C CYS A 24 -15.37 -5.38 2.78
N HIS A 25 -14.23 -5.95 2.39
CA HIS A 25 -14.20 -7.06 1.44
C HIS A 25 -14.04 -8.29 2.30
N LEU A 26 -15.17 -8.75 2.79
CA LEU A 26 -15.27 -9.86 3.73
C LEU A 26 -14.96 -11.27 3.24
N ALA A 27 -14.79 -11.48 1.94
CA ALA A 27 -14.48 -12.81 1.42
C ALA A 27 -13.00 -12.93 1.14
N GLN A 28 -12.43 -14.08 1.51
CA GLN A 28 -11.02 -14.33 1.31
C GLN A 28 -10.74 -15.04 -0.02
N LYS A 29 -9.79 -14.48 -0.78
CA LYS A 29 -9.38 -15.05 -2.05
C LYS A 29 -7.89 -14.86 -2.25
N ALA A 30 -7.20 -15.96 -2.51
CA ALA A 30 -5.75 -15.97 -2.70
C ALA A 30 -5.21 -14.99 -3.73
N VAL A 31 -4.06 -14.40 -3.42
CA VAL A 31 -3.35 -13.49 -4.32
C VAL A 31 -1.88 -13.88 -4.25
N GLU A 32 -1.06 -13.32 -5.15
CA GLU A 32 0.36 -13.64 -5.16
C GLU A 32 1.17 -12.40 -5.49
N ILE A 33 2.41 -12.39 -5.04
CA ILE A 33 3.32 -11.30 -5.35
C ILE A 33 4.72 -11.86 -5.40
N GLU A 34 5.52 -11.34 -6.32
CA GLU A 34 6.90 -11.76 -6.42
C GLU A 34 7.75 -10.54 -6.70
N VAL A 35 8.90 -10.49 -6.04
CA VAL A 35 9.86 -9.42 -6.23
C VAL A 35 11.17 -10.16 -6.18
N PRO A 36 12.24 -9.58 -6.76
CA PRO A 36 13.52 -10.28 -6.71
C PRO A 36 13.90 -10.51 -5.26
N GLN A 37 14.68 -11.55 -4.98
CA GLN A 37 15.10 -11.80 -3.60
C GLN A 37 16.01 -10.67 -3.12
N ALA A 38 16.72 -10.04 -4.05
CA ALA A 38 17.63 -8.96 -3.71
C ALA A 38 17.78 -7.93 -4.84
N VAL A 39 18.04 -6.68 -4.46
CA VAL A 39 18.20 -5.62 -5.44
C VAL A 39 19.28 -4.65 -4.96
N LEU A 40 19.99 -4.05 -5.93
CA LEU A 40 21.03 -3.08 -5.60
C LEU A 40 20.37 -1.76 -5.24
N PRO A 41 21.09 -0.90 -4.49
CA PRO A 41 20.54 0.39 -4.10
C PRO A 41 20.21 1.23 -5.33
N ASP A 42 19.31 2.19 -5.16
CA ASP A 42 18.90 3.08 -6.25
C ASP A 42 18.69 2.36 -7.58
N THR A 43 18.10 1.17 -7.51
CA THR A 43 17.86 0.36 -8.69
C THR A 43 16.37 0.07 -8.88
N VAL A 44 15.94 0.07 -10.14
CA VAL A 44 14.54 -0.20 -10.46
C VAL A 44 14.30 -1.70 -10.62
N PHE A 45 13.31 -2.22 -9.89
CA PHE A 45 12.98 -3.63 -10.03
C PHE A 45 11.48 -3.77 -10.20
N GLU A 46 11.04 -4.99 -10.48
CA GLU A 46 9.62 -5.22 -10.71
C GLU A 46 8.95 -6.09 -9.66
N ALA A 47 7.73 -5.68 -9.31
CA ALA A 47 6.91 -6.42 -8.37
C ALA A 47 5.78 -6.92 -9.27
N VAL A 48 5.63 -8.22 -9.36
CA VAL A 48 4.58 -8.81 -10.18
C VAL A 48 3.51 -9.38 -9.27
N ILE A 49 2.31 -8.83 -9.36
CA ILE A 49 1.21 -9.28 -8.53
C ILE A 49 0.12 -9.97 -9.34
N GLU A 50 -0.51 -10.96 -8.73
CA GLU A 50 -1.57 -11.72 -9.36
C GLU A 50 -2.83 -11.75 -8.50
N LEU A 51 -3.96 -11.47 -9.13
CA LEU A 51 -5.26 -11.46 -8.45
C LEU A 51 -6.15 -12.38 -9.27
N PRO A 52 -5.82 -13.67 -9.33
CA PRO A 52 -6.59 -14.64 -10.09
C PRO A 52 -8.04 -14.80 -9.66
N TYR A 53 -8.88 -15.17 -10.63
CA TYR A 53 -10.30 -15.42 -10.40
C TYR A 53 -10.90 -15.92 -11.70
N ASP A 54 -12.12 -16.43 -11.63
CA ASP A 54 -12.81 -16.96 -12.81
C ASP A 54 -13.45 -15.82 -13.60
N LYS A 55 -12.82 -15.44 -14.72
CA LYS A 55 -13.35 -14.35 -15.54
C LYS A 55 -14.75 -14.60 -16.11
N GLN A 56 -15.16 -15.87 -16.18
CA GLN A 56 -16.46 -16.20 -16.72
C GLN A 56 -17.61 -15.93 -15.75
N VAL A 57 -17.30 -15.85 -14.47
CA VAL A 57 -18.31 -15.59 -13.44
C VAL A 57 -18.47 -14.09 -13.21
N LYS A 58 -19.67 -13.56 -13.44
CA LYS A 58 -19.94 -12.14 -13.26
C LYS A 58 -20.44 -11.82 -11.85
N GLN A 59 -20.33 -10.56 -11.46
CA GLN A 59 -20.75 -10.15 -10.12
C GLN A 59 -21.96 -9.24 -10.18
N VAL A 60 -22.59 -9.05 -9.03
CA VAL A 60 -23.72 -8.15 -8.93
C VAL A 60 -23.12 -6.75 -8.86
N LEU A 61 -23.61 -5.86 -9.73
CA LEU A 61 -23.14 -4.48 -9.77
C LEU A 61 -24.03 -3.61 -8.89
N ALA A 62 -23.59 -2.38 -8.62
CA ALA A 62 -24.37 -1.47 -7.79
C ALA A 62 -25.77 -1.24 -8.35
N ASN A 63 -25.91 -1.35 -9.67
CA ASN A 63 -27.21 -1.15 -10.29
C ASN A 63 -28.09 -2.40 -10.27
N GLY A 64 -27.60 -3.45 -9.61
CA GLY A 64 -28.37 -4.67 -9.51
C GLY A 64 -28.16 -5.64 -10.66
N LYS A 65 -27.52 -5.18 -11.73
CA LYS A 65 -27.25 -6.01 -12.89
C LYS A 65 -25.96 -6.81 -12.68
N LYS A 66 -25.69 -7.76 -13.55
CA LYS A 66 -24.48 -8.55 -13.45
C LYS A 66 -23.43 -7.89 -14.35
N GLY A 67 -22.17 -8.02 -13.98
CA GLY A 67 -21.12 -7.41 -14.76
C GLY A 67 -19.74 -7.90 -14.39
N ASP A 68 -18.73 -7.43 -15.12
CA ASP A 68 -17.34 -7.82 -14.88
C ASP A 68 -16.82 -7.31 -13.55
N LEU A 69 -15.76 -7.96 -13.07
CA LEU A 69 -15.14 -7.55 -11.82
C LEU A 69 -13.97 -6.62 -12.13
N ASN A 70 -13.59 -5.85 -11.12
CA ASN A 70 -12.49 -4.92 -11.24
C ASN A 70 -11.52 -5.23 -10.11
N VAL A 71 -10.27 -4.83 -10.29
CA VAL A 71 -9.25 -5.11 -9.29
C VAL A 71 -8.61 -3.87 -8.72
N GLY A 72 -7.96 -4.06 -7.58
CA GLY A 72 -7.28 -2.98 -6.90
C GLY A 72 -6.33 -3.61 -5.91
N MET A 73 -5.40 -2.80 -5.40
CA MET A 73 -4.45 -3.34 -4.45
C MET A 73 -3.80 -2.22 -3.68
N VAL A 74 -3.07 -2.63 -2.65
CA VAL A 74 -2.30 -1.71 -1.83
C VAL A 74 -1.03 -2.50 -1.60
N LEU A 75 0.11 -1.86 -1.83
CA LEU A 75 1.41 -2.50 -1.66
C LEU A 75 2.21 -1.68 -0.65
N ILE A 76 2.54 -2.32 0.46
CA ILE A 76 3.30 -1.67 1.53
C ILE A 76 4.77 -2.06 1.40
N LEU A 77 5.60 -1.12 0.99
CA LEU A 77 7.03 -1.36 0.81
C LEU A 77 7.80 -0.80 2.00
N PRO A 78 9.08 -1.18 2.14
CA PRO A 78 9.88 -0.66 3.25
C PRO A 78 10.08 0.85 3.06
N GLU A 79 10.33 1.55 4.16
CA GLU A 79 10.52 2.99 4.13
C GLU A 79 11.71 3.27 3.20
N GLY A 80 11.52 4.20 2.27
CA GLY A 80 12.58 4.53 1.33
C GLY A 80 12.29 4.00 -0.06
N PHE A 81 11.64 2.85 -0.15
CA PHE A 81 11.27 2.31 -1.46
C PHE A 81 10.13 3.19 -1.97
N GLU A 82 10.09 3.41 -3.27
CA GLU A 82 9.07 4.26 -3.89
C GLU A 82 8.70 3.76 -5.27
N LEU A 83 7.61 4.29 -5.80
CA LEU A 83 7.20 3.93 -7.15
C LEU A 83 8.34 4.51 -7.98
N ALA A 84 8.83 3.74 -8.96
CA ALA A 84 9.92 4.24 -9.79
C ALA A 84 9.42 5.37 -10.71
N PRO A 85 10.19 6.48 -10.78
CA PRO A 85 9.81 7.62 -11.62
C PRO A 85 9.80 7.17 -13.08
N PRO A 86 8.93 7.76 -13.91
CA PRO A 86 8.87 7.39 -15.32
C PRO A 86 10.22 7.52 -16.02
N ASP A 87 11.03 8.49 -15.59
CA ASP A 87 12.34 8.69 -16.20
C ASP A 87 13.33 7.61 -15.80
N ARG A 88 12.94 6.77 -14.85
CA ARG A 88 13.80 5.68 -14.39
C ARG A 88 13.24 4.34 -14.83
N VAL A 89 12.08 4.36 -15.49
CA VAL A 89 11.46 3.11 -15.94
C VAL A 89 11.73 2.85 -17.41
N PRO A 90 12.45 1.75 -17.71
CA PRO A 90 12.77 1.40 -19.10
C PRO A 90 11.50 1.10 -19.89
N ALA A 91 11.55 1.39 -21.19
CA ALA A 91 10.41 1.17 -22.07
C ALA A 91 9.87 -0.26 -21.95
N GLU A 92 10.79 -1.23 -21.87
CA GLU A 92 10.39 -2.63 -21.75
C GLU A 92 9.51 -2.84 -20.52
N ILE A 93 9.80 -2.14 -19.44
CA ILE A 93 9.02 -2.28 -18.24
C ILE A 93 7.72 -1.47 -18.30
N LYS A 94 7.78 -0.29 -18.92
CA LYS A 94 6.57 0.51 -19.05
C LYS A 94 5.56 -0.29 -19.85
N GLU A 95 6.08 -1.09 -20.78
CA GLU A 95 5.22 -1.93 -21.63
C GLU A 95 4.47 -2.96 -20.80
N LYS A 96 5.17 -3.62 -19.88
CA LYS A 96 4.56 -4.62 -19.01
C LYS A 96 3.57 -3.98 -18.04
N VAL A 97 3.92 -2.79 -17.55
CA VAL A 97 3.08 -2.07 -16.61
C VAL A 97 1.76 -1.70 -17.27
N GLY A 98 1.86 -1.16 -18.48
CA GLY A 98 0.65 -0.77 -19.18
C GLY A 98 0.13 0.58 -18.75
N ASN A 99 -1.14 0.84 -19.03
CA ASN A 99 -1.75 2.11 -18.71
C ASN A 99 -2.24 2.18 -17.27
N LEU A 100 -1.38 1.84 -16.31
CA LEU A 100 -1.76 1.90 -14.90
C LEU A 100 -1.18 3.14 -14.25
N TYR A 101 -1.90 3.68 -13.27
CA TYR A 101 -1.45 4.87 -12.56
C TYR A 101 -1.32 4.62 -11.06
N TYR A 102 -0.18 4.07 -10.67
CA TYR A 102 0.08 3.81 -9.27
C TYR A 102 0.20 5.13 -8.57
N GLN A 103 -0.38 5.22 -7.38
CA GLN A 103 -0.30 6.45 -6.60
C GLN A 103 0.09 6.10 -5.17
N PRO A 104 0.73 7.04 -4.46
CA PRO A 104 1.14 6.81 -3.08
C PRO A 104 -0.13 6.86 -2.23
N TYR A 105 -0.16 6.09 -1.14
CA TYR A 105 -1.33 6.04 -0.26
C TYR A 105 -1.68 7.46 0.18
N SER A 106 -0.65 8.28 0.35
CA SER A 106 -0.79 9.66 0.76
C SER A 106 0.53 10.32 0.39
N PRO A 107 0.55 11.65 0.30
CA PRO A 107 1.80 12.33 -0.05
C PRO A 107 2.90 12.02 0.97
N GLU A 108 2.49 11.61 2.16
CA GLU A 108 3.42 11.30 3.25
C GLU A 108 3.71 9.81 3.37
N GLN A 109 3.34 9.04 2.36
CA GLN A 109 3.56 7.59 2.38
C GLN A 109 3.89 7.10 0.98
N LYS A 110 5.00 7.59 0.45
CA LYS A 110 5.45 7.23 -0.89
C LYS A 110 5.84 5.75 -1.00
N ASN A 111 5.99 5.09 0.14
CA ASN A 111 6.37 3.68 0.18
C ASN A 111 5.16 2.75 0.17
N ILE A 112 3.98 3.34 0.14
CA ILE A 112 2.73 2.56 0.08
C ILE A 112 2.04 2.96 -1.22
N LEU A 113 1.90 1.99 -2.11
CA LEU A 113 1.29 2.24 -3.41
C LEU A 113 -0.05 1.54 -3.57
N VAL A 114 -0.96 2.22 -4.27
CA VAL A 114 -2.27 1.67 -4.57
C VAL A 114 -2.57 1.83 -6.06
N VAL A 115 -3.57 1.10 -6.53
CA VAL A 115 -3.98 1.19 -7.92
C VAL A 115 -5.37 0.57 -7.96
N GLY A 116 -6.21 1.07 -8.86
CA GLY A 116 -7.55 0.54 -8.97
C GLY A 116 -8.58 1.56 -8.52
N PRO A 117 -9.86 1.36 -8.87
CA PRO A 117 -10.32 0.20 -9.66
C PRO A 117 -9.88 0.23 -11.12
N VAL A 118 -9.52 -0.95 -11.64
CA VAL A 118 -9.15 -1.12 -13.03
C VAL A 118 -9.74 -2.48 -13.41
N PRO A 119 -10.03 -2.69 -14.70
CA PRO A 119 -10.62 -3.96 -15.17
C PRO A 119 -9.87 -5.24 -14.83
N GLY A 120 -10.57 -6.18 -14.21
CA GLY A 120 -9.97 -7.45 -13.85
C GLY A 120 -9.56 -8.24 -15.08
N LYS A 121 -10.37 -8.13 -16.12
CA LYS A 121 -10.10 -8.82 -17.39
C LYS A 121 -8.69 -8.56 -17.89
N LYS A 122 -8.28 -7.30 -17.83
CA LYS A 122 -6.97 -6.91 -18.31
C LYS A 122 -5.87 -6.83 -17.26
N TYR A 123 -6.24 -6.64 -16.00
CA TYR A 123 -5.22 -6.50 -14.98
C TYR A 123 -5.23 -7.50 -13.83
N SER A 124 -5.65 -8.73 -14.10
CA SER A 124 -5.66 -9.75 -13.07
C SER A 124 -4.21 -9.97 -12.63
N GLU A 125 -3.29 -9.59 -13.51
CA GLU A 125 -1.87 -9.65 -13.23
C GLU A 125 -1.34 -8.25 -13.53
N MET A 126 -0.53 -7.71 -12.62
CA MET A 126 0.04 -6.39 -12.79
C MET A 126 1.50 -6.34 -12.45
N VAL A 127 2.21 -5.38 -13.05
CA VAL A 127 3.63 -5.17 -12.79
C VAL A 127 3.80 -3.78 -12.19
N VAL A 128 4.47 -3.73 -11.04
CA VAL A 128 4.70 -2.48 -10.34
C VAL A 128 6.19 -2.11 -10.36
N PRO A 129 6.56 -1.01 -11.04
CA PRO A 129 7.97 -0.60 -11.11
C PRO A 129 8.38 0.08 -9.80
N ILE A 130 9.31 -0.53 -9.08
CA ILE A 130 9.76 0.01 -7.80
C ILE A 130 11.22 0.49 -7.81
N LEU A 131 11.48 1.62 -7.16
CA LEU A 131 12.84 2.16 -7.08
C LEU A 131 13.35 1.97 -5.65
N SER A 132 14.42 1.19 -5.51
CA SER A 132 15.00 0.94 -4.19
C SER A 132 15.79 2.16 -3.73
N PRO A 133 15.85 2.39 -2.41
CA PRO A 133 16.58 3.52 -1.84
C PRO A 133 18.07 3.21 -1.76
N ASP A 134 18.83 4.16 -1.22
CA ASP A 134 20.27 3.99 -1.07
C ASP A 134 20.59 4.32 0.39
N PRO A 135 21.00 3.31 1.18
CA PRO A 135 21.33 3.51 2.59
C PRO A 135 22.43 4.54 2.80
N ALA A 136 23.19 4.83 1.73
CA ALA A 136 24.28 5.80 1.81
C ALA A 136 23.76 7.24 1.77
N LYS A 137 22.53 7.42 1.33
CA LYS A 137 21.93 8.74 1.25
C LYS A 137 20.71 8.85 2.16
N ASN A 138 20.15 7.72 2.53
CA ASN A 138 18.98 7.68 3.39
C ASN A 138 19.32 6.91 4.66
N LYS A 139 19.47 7.62 5.76
CA LYS A 139 19.82 7.00 7.04
C LYS A 139 18.68 6.18 7.62
N ASN A 140 17.49 6.30 7.05
CA ASN A 140 16.34 5.55 7.53
C ASN A 140 16.30 4.16 6.91
N VAL A 141 17.21 3.88 5.98
CA VAL A 141 17.25 2.57 5.33
C VAL A 141 18.60 1.91 5.51
N SER A 142 18.60 0.58 5.60
CA SER A 142 19.81 -0.20 5.79
C SER A 142 19.90 -1.36 4.79
N TYR A 143 21.03 -2.05 4.78
CA TYR A 143 21.25 -3.18 3.88
C TYR A 143 20.69 -4.45 4.51
N LEU A 144 19.38 -4.44 4.76
CA LEU A 144 18.73 -5.56 5.42
C LEU A 144 17.77 -6.34 4.53
N LYS A 145 17.25 -7.42 5.08
CA LYS A 145 16.24 -8.20 4.41
C LYS A 145 14.98 -7.50 4.94
N TYR A 146 14.19 -6.94 4.04
CA TYR A 146 12.98 -6.21 4.40
C TYR A 146 11.72 -6.91 3.94
N PRO A 147 10.67 -6.88 4.77
CA PRO A 147 9.39 -7.50 4.43
C PRO A 147 8.62 -6.59 3.48
N ILE A 148 7.73 -7.18 2.68
CA ILE A 148 6.88 -6.42 1.77
C ILE A 148 5.48 -7.00 1.99
N TYR A 149 4.50 -6.12 2.17
CA TYR A 149 3.12 -6.56 2.41
C TYR A 149 2.25 -6.17 1.23
N PHE A 150 1.40 -7.10 0.81
CA PHE A 150 0.52 -6.89 -0.32
C PHE A 150 -0.93 -7.27 -0.03
N GLY A 151 -1.84 -6.45 -0.54
CA GLY A 151 -3.26 -6.70 -0.36
C GLY A 151 -3.91 -6.53 -1.72
N GLY A 152 -4.59 -7.57 -2.21
CA GLY A 152 -5.20 -7.48 -3.52
C GLY A 152 -6.66 -7.88 -3.52
N ASN A 153 -7.49 -7.06 -4.16
CA ASN A 153 -8.91 -7.34 -4.22
C ASN A 153 -9.53 -7.36 -5.61
N ARG A 154 -10.58 -8.16 -5.76
CA ARG A 154 -11.34 -8.24 -6.99
C ARG A 154 -12.79 -8.27 -6.55
N GLY A 155 -13.65 -7.50 -7.20
CA GLY A 155 -15.05 -7.51 -6.83
C GLY A 155 -15.47 -6.49 -5.80
N ARG A 156 -16.72 -6.06 -5.89
CA ARG A 156 -17.26 -5.07 -4.98
C ARG A 156 -17.37 -5.53 -3.52
N GLY A 157 -17.27 -4.56 -2.62
CA GLY A 157 -17.33 -4.84 -1.20
C GLY A 157 -18.72 -5.13 -0.67
N GLN A 158 -18.77 -5.56 0.59
CA GLN A 158 -20.01 -5.90 1.27
C GLN A 158 -20.59 -4.77 2.13
N VAL A 159 -19.75 -3.79 2.46
CA VAL A 159 -20.18 -2.67 3.28
C VAL A 159 -19.49 -1.38 2.85
N TYR A 160 -20.21 -0.27 2.99
CA TYR A 160 -19.71 1.05 2.61
C TYR A 160 -19.03 1.76 3.79
N PRO A 161 -18.34 2.88 3.49
CA PRO A 161 -17.66 3.68 4.51
C PRO A 161 -18.62 4.13 5.61
N ASP A 162 -19.88 4.33 5.26
CA ASP A 162 -20.89 4.76 6.23
C ASP A 162 -21.42 3.60 7.08
N GLY A 163 -20.99 2.38 6.76
CA GLY A 163 -21.46 1.24 7.53
C GLY A 163 -22.64 0.50 6.93
N LYS A 164 -23.25 1.08 5.90
CA LYS A 164 -24.39 0.44 5.25
C LYS A 164 -23.89 -0.75 4.44
N LYS A 165 -24.73 -1.76 4.33
CA LYS A 165 -24.37 -2.96 3.58
C LYS A 165 -24.63 -2.66 2.11
N SER A 166 -23.76 -3.16 1.24
CA SER A 166 -23.95 -2.95 -0.18
C SER A 166 -24.96 -4.02 -0.58
N ASN A 167 -25.28 -4.09 -1.87
CA ASN A 167 -26.23 -5.07 -2.36
C ASN A 167 -25.49 -6.37 -2.70
N ASN A 168 -24.20 -6.40 -2.40
CA ASN A 168 -23.39 -7.56 -2.70
C ASN A 168 -23.02 -8.33 -1.44
N THR A 169 -24.01 -8.59 -0.60
CA THR A 169 -23.81 -9.32 0.64
C THR A 169 -25.12 -9.93 1.11
N ILE A 170 -25.04 -10.75 2.15
CA ILE A 170 -26.18 -11.43 2.74
C ILE A 170 -27.04 -10.48 3.55
N TYR A 171 -28.36 -10.65 3.48
CA TYR A 171 -29.30 -9.85 4.26
C TYR A 171 -30.00 -10.79 5.23
N ASN A 172 -30.11 -10.36 6.48
CA ASN A 172 -30.72 -11.19 7.52
C ASN A 172 -31.96 -10.57 8.14
N ALA A 173 -32.77 -11.40 8.79
CA ALA A 173 -34.01 -10.95 9.42
C ALA A 173 -33.78 -10.00 10.60
N SER A 174 -34.43 -8.84 10.56
CA SER A 174 -34.30 -7.86 11.64
C SER A 174 -34.91 -8.39 12.94
N ALA A 175 -35.92 -9.25 12.80
CA ALA A 175 -36.58 -9.81 13.98
C ALA A 175 -37.04 -11.23 13.69
N ALA A 176 -37.42 -11.94 14.75
CA ALA A 176 -37.90 -13.30 14.61
C ALA A 176 -39.41 -13.25 14.40
N GLY A 177 -39.92 -14.17 13.59
CA GLY A 177 -41.35 -14.19 13.36
C GLY A 177 -41.74 -14.92 12.09
N LYS A 178 -43.03 -14.88 11.78
CA LYS A 178 -43.54 -15.53 10.59
C LYS A 178 -43.53 -14.55 9.43
N ILE A 179 -43.01 -14.98 8.29
CA ILE A 179 -43.00 -14.12 7.12
C ILE A 179 -44.42 -14.10 6.59
N VAL A 180 -45.09 -12.97 6.73
CA VAL A 180 -46.47 -12.83 6.26
C VAL A 180 -46.55 -12.31 4.85
N ALA A 181 -45.44 -11.79 4.33
CA ALA A 181 -45.44 -11.27 2.97
C ALA A 181 -44.06 -11.00 2.39
N ILE A 182 -43.93 -11.20 1.09
CA ILE A 182 -42.70 -10.94 0.35
C ILE A 182 -43.13 -10.21 -0.92
N THR A 183 -42.90 -8.90 -0.95
CA THR A 183 -43.27 -8.08 -2.10
C THR A 183 -42.08 -7.67 -2.96
N ALA A 184 -42.29 -7.62 -4.26
CA ALA A 184 -41.24 -7.22 -5.20
C ALA A 184 -41.10 -5.70 -5.06
N LEU A 185 -39.88 -5.24 -4.84
CA LEU A 185 -39.63 -3.82 -4.65
C LEU A 185 -40.13 -2.91 -5.77
N SER A 186 -40.12 -3.38 -7.01
CA SER A 186 -40.59 -2.56 -8.14
C SER A 186 -40.60 -3.34 -9.45
N GLU A 187 -40.58 -2.60 -10.56
CA GLU A 187 -40.59 -3.20 -11.89
C GLU A 187 -39.21 -3.09 -12.53
N LYS A 188 -38.58 -1.93 -12.39
CA LYS A 188 -37.26 -1.69 -12.94
C LYS A 188 -36.29 -1.78 -11.77
N LYS A 189 -36.75 -1.31 -10.62
CA LYS A 189 -35.97 -1.32 -9.40
C LYS A 189 -36.23 -2.65 -8.68
N GLY A 190 -35.39 -3.65 -8.94
CA GLY A 190 -35.56 -4.94 -8.31
C GLY A 190 -35.52 -4.88 -6.80
N GLY A 191 -35.47 -6.05 -6.17
CA GLY A 191 -35.43 -6.10 -4.72
C GLY A 191 -36.69 -6.71 -4.15
N PHE A 192 -36.77 -6.76 -2.83
CA PHE A 192 -37.93 -7.35 -2.16
C PHE A 192 -38.19 -6.67 -0.82
N GLU A 193 -39.38 -6.90 -0.30
CA GLU A 193 -39.77 -6.42 1.00
C GLU A 193 -40.28 -7.63 1.74
N VAL A 194 -39.61 -7.98 2.83
CA VAL A 194 -39.97 -9.14 3.62
C VAL A 194 -40.66 -8.71 4.91
N SER A 195 -41.94 -9.01 5.01
CA SER A 195 -42.70 -8.66 6.20
C SER A 195 -42.66 -9.79 7.22
N ILE A 196 -42.21 -9.45 8.42
CA ILE A 196 -42.10 -10.42 9.50
C ILE A 196 -43.03 -10.07 10.65
N GLU A 197 -44.01 -10.93 10.90
CA GLU A 197 -44.95 -10.71 11.99
C GLU A 197 -44.35 -11.33 13.25
N LYS A 198 -43.96 -10.48 14.19
CA LYS A 198 -43.35 -10.97 15.42
C LYS A 198 -44.37 -11.67 16.32
N ALA A 199 -43.85 -12.37 17.33
CA ALA A 199 -44.69 -13.11 18.27
C ALA A 199 -45.72 -12.21 18.95
N ASN A 200 -45.42 -10.92 19.08
CA ASN A 200 -46.34 -9.99 19.71
C ASN A 200 -47.40 -9.49 18.73
N GLY A 201 -47.20 -9.76 17.44
CA GLY A 201 -48.18 -9.33 16.46
C GLY A 201 -47.78 -8.14 15.61
N GLU A 202 -46.68 -7.49 15.97
CA GLU A 202 -46.20 -6.33 15.22
C GLU A 202 -45.47 -6.80 13.97
N VAL A 203 -45.66 -6.10 12.87
CA VAL A 203 -45.03 -6.47 11.62
C VAL A 203 -43.89 -5.54 11.24
N VAL A 204 -42.72 -6.11 10.98
CA VAL A 204 -41.57 -5.30 10.57
C VAL A 204 -41.32 -5.64 9.11
N VAL A 205 -40.81 -4.67 8.36
CA VAL A 205 -40.55 -4.90 6.95
C VAL A 205 -39.08 -4.73 6.62
N ASP A 206 -38.42 -5.83 6.27
CA ASP A 206 -37.01 -5.78 5.90
C ASP A 206 -36.86 -5.56 4.41
N LYS A 207 -36.13 -4.51 4.05
CA LYS A 207 -35.90 -4.19 2.65
C LYS A 207 -34.65 -4.87 2.14
N ILE A 208 -34.76 -5.52 1.00
CA ILE A 208 -33.64 -6.22 0.40
C ILE A 208 -33.45 -5.74 -1.03
N PRO A 209 -32.26 -5.17 -1.34
CA PRO A 209 -32.00 -4.67 -2.69
C PRO A 209 -31.86 -5.82 -3.67
N ALA A 210 -31.89 -5.51 -4.96
CA ALA A 210 -31.73 -6.52 -5.99
C ALA A 210 -30.26 -6.95 -5.91
N GLY A 211 -30.00 -8.22 -6.19
CA GLY A 211 -28.65 -8.74 -6.15
C GLY A 211 -28.69 -10.11 -5.50
N PRO A 212 -28.83 -10.17 -4.18
CA PRO A 212 -28.90 -11.45 -3.46
C PRO A 212 -30.22 -12.14 -3.79
N ASP A 213 -30.24 -13.46 -3.72
CA ASP A 213 -31.46 -14.21 -4.00
C ASP A 213 -32.07 -14.60 -2.67
N LEU A 214 -33.39 -14.56 -2.57
CA LEU A 214 -34.05 -14.94 -1.33
C LEU A 214 -33.95 -16.45 -1.16
N ILE A 215 -33.94 -16.89 0.09
CA ILE A 215 -33.87 -18.31 0.39
C ILE A 215 -35.01 -18.63 1.36
N VAL A 216 -35.89 -17.66 1.55
CA VAL A 216 -37.03 -17.82 2.45
C VAL A 216 -38.36 -17.75 1.70
N LYS A 217 -39.39 -18.34 2.30
CA LYS A 217 -40.73 -18.39 1.70
C LYS A 217 -41.79 -17.72 2.58
N GLU A 218 -42.89 -17.29 1.97
CA GLU A 218 -43.97 -16.68 2.73
C GLU A 218 -44.51 -17.77 3.66
N GLY A 219 -44.89 -17.39 4.87
CA GLY A 219 -45.43 -18.35 5.82
C GLY A 219 -44.35 -19.03 6.63
N GLN A 220 -43.09 -18.84 6.22
CA GLN A 220 -41.96 -19.43 6.90
C GLN A 220 -41.59 -18.64 8.15
N THR A 221 -41.24 -19.33 9.23
CA THR A 221 -40.82 -18.65 10.45
C THR A 221 -39.31 -18.50 10.41
N VAL A 222 -38.82 -17.33 10.80
CA VAL A 222 -37.39 -17.08 10.80
C VAL A 222 -36.95 -16.59 12.16
N GLN A 223 -35.66 -16.77 12.43
CA GLN A 223 -35.08 -16.34 13.68
C GLN A 223 -34.45 -14.99 13.41
N ALA A 224 -34.24 -14.19 14.45
CA ALA A 224 -33.61 -12.89 14.28
C ALA A 224 -32.22 -13.11 13.71
N ASP A 225 -31.84 -12.27 12.75
CA ASP A 225 -30.53 -12.36 12.11
C ASP A 225 -30.31 -13.61 11.26
N GLN A 226 -31.37 -14.39 11.07
CA GLN A 226 -31.29 -15.57 10.24
C GLN A 226 -31.16 -15.07 8.81
N PRO A 227 -30.29 -15.68 8.01
CA PRO A 227 -30.15 -15.22 6.62
C PRO A 227 -31.46 -15.30 5.86
N LEU A 228 -31.79 -14.26 5.10
CA LEU A 228 -33.02 -14.25 4.32
C LEU A 228 -32.67 -14.45 2.84
N THR A 229 -31.37 -14.40 2.54
CA THR A 229 -30.89 -14.54 1.18
C THR A 229 -29.59 -15.32 1.19
N ASN A 230 -29.10 -15.65 0.00
CA ASN A 230 -27.82 -16.34 -0.10
C ASN A 230 -26.77 -15.22 -0.14
N ASN A 231 -25.55 -15.58 -0.48
CA ASN A 231 -24.47 -14.60 -0.58
C ASN A 231 -24.15 -14.45 -2.08
N PRO A 232 -24.47 -13.28 -2.66
CA PRO A 232 -24.22 -13.01 -4.09
C PRO A 232 -22.76 -12.68 -4.44
N ASN A 233 -21.95 -12.40 -3.41
CA ASN A 233 -20.56 -12.07 -3.64
C ASN A 233 -19.78 -13.20 -4.32
N VAL A 234 -19.01 -12.84 -5.34
CA VAL A 234 -18.20 -13.81 -6.06
C VAL A 234 -16.73 -13.38 -6.07
N GLY A 235 -16.43 -12.25 -5.44
CA GLY A 235 -15.07 -11.75 -5.39
C GLY A 235 -14.41 -11.97 -4.04
N GLY A 236 -13.31 -11.28 -3.79
CA GLY A 236 -12.64 -11.47 -2.52
C GLY A 236 -11.34 -10.72 -2.39
N PHE A 237 -10.82 -10.67 -1.18
CA PHE A 237 -9.57 -9.99 -0.87
C PHE A 237 -8.54 -10.98 -0.34
N GLY A 238 -7.29 -10.78 -0.74
CA GLY A 238 -6.24 -11.67 -0.28
C GLY A 238 -4.99 -10.90 0.05
N GLN A 239 -4.17 -11.46 0.93
CA GLN A 239 -2.92 -10.82 1.32
C GLN A 239 -1.77 -11.79 1.09
N ALA A 240 -0.59 -11.23 0.90
CA ALA A 240 0.60 -12.03 0.69
C ALA A 240 1.75 -11.23 1.27
N GLU A 241 2.74 -11.91 1.80
CA GLU A 241 3.89 -11.23 2.38
C GLU A 241 5.12 -11.82 1.70
N THR A 242 6.12 -10.99 1.49
CA THR A 242 7.35 -11.46 0.88
C THR A 242 8.48 -10.60 1.43
N GLU A 243 9.67 -10.77 0.89
CA GLU A 243 10.83 -10.02 1.37
C GLU A 243 11.79 -9.70 0.26
N ILE A 244 12.72 -8.80 0.55
CA ILE A 244 13.72 -8.41 -0.43
C ILE A 244 14.94 -7.89 0.31
N VAL A 245 16.12 -8.20 -0.22
CA VAL A 245 17.37 -7.77 0.38
C VAL A 245 17.95 -6.59 -0.38
N LEU A 246 18.28 -5.52 0.35
CA LEU A 246 18.88 -4.36 -0.27
C LEU A 246 20.36 -4.67 -0.17
N GLN A 247 20.97 -4.97 -1.31
CA GLN A 247 22.38 -5.32 -1.37
C GLN A 247 23.29 -4.16 -1.03
N ASN A 248 24.47 -4.50 -0.52
CA ASN A 248 25.48 -3.52 -0.16
C ASN A 248 26.71 -3.78 -1.02
N PRO A 249 26.76 -3.17 -2.22
CA PRO A 249 27.86 -3.29 -3.19
C PRO A 249 29.14 -2.56 -2.79
N ALA A 250 30.22 -2.88 -3.49
CA ALA A 250 31.51 -2.26 -3.25
C ALA A 250 32.61 -3.07 -3.92
N ARG A 251 33.45 -2.38 -4.69
CA ARG A 251 34.56 -3.04 -5.39
C ARG A 251 35.88 -2.43 -4.94
N TYR B 1 27.64 -6.91 7.47
CA TYR B 1 28.81 -6.12 7.02
C TYR B 1 29.47 -5.53 8.25
N PRO B 2 30.65 -4.91 8.08
CA PRO B 2 31.27 -4.33 9.28
C PRO B 2 30.30 -3.29 9.85
N VAL B 3 29.49 -2.68 8.99
CA VAL B 3 28.56 -1.66 9.44
C VAL B 3 27.45 -2.25 10.32
N PHE B 4 27.16 -3.53 10.15
CA PHE B 4 26.15 -4.16 11.00
C PHE B 4 26.69 -4.20 12.42
N ALA B 5 28.00 -4.46 12.54
CA ALA B 5 28.62 -4.51 13.86
C ALA B 5 28.58 -3.12 14.46
N GLN B 6 29.01 -2.13 13.68
CA GLN B 6 29.02 -0.74 14.13
C GLN B 6 27.66 -0.25 14.62
N GLN B 7 26.61 -0.54 13.86
CA GLN B 7 25.26 -0.10 14.21
C GLN B 7 24.60 -0.90 15.33
N ASN B 8 25.10 -2.10 15.61
CA ASN B 8 24.48 -2.92 16.64
C ASN B 8 25.32 -3.27 17.87
N TYR B 9 26.62 -3.05 17.79
CA TYR B 9 27.51 -3.37 18.89
C TYR B 9 28.44 -2.19 19.20
N ALA B 10 28.32 -1.62 20.38
CA ALA B 10 29.16 -0.48 20.76
C ALA B 10 30.62 -0.88 20.78
N ASN B 11 30.89 -2.11 21.23
CA ASN B 11 32.24 -2.66 21.31
C ASN B 11 32.29 -3.94 20.47
N PRO B 12 33.14 -3.97 19.44
CA PRO B 12 33.27 -5.14 18.57
C PRO B 12 33.88 -6.40 19.19
N ARG B 13 34.35 -6.29 20.43
CA ARG B 13 34.95 -7.45 21.10
C ARG B 13 34.35 -7.71 22.48
N GLU B 14 33.80 -8.91 22.66
CA GLU B 14 33.19 -9.28 23.94
C GLU B 14 34.26 -9.58 24.98
N ALA B 15 33.85 -9.66 26.24
CA ALA B 15 34.77 -9.93 27.34
C ALA B 15 35.58 -11.20 27.12
N ASN B 16 34.94 -12.24 26.60
CA ASN B 16 35.61 -13.50 26.36
C ASN B 16 36.57 -13.42 25.15
N GLY B 17 36.60 -12.26 24.50
CA GLY B 17 37.47 -12.08 23.35
C GLY B 17 36.85 -12.39 21.99
N ARG B 18 35.60 -12.80 21.98
CA ARG B 18 34.94 -13.11 20.72
C ARG B 18 34.56 -11.79 20.05
N ILE B 19 34.83 -11.68 18.75
CA ILE B 19 34.50 -10.48 18.00
C ILE B 19 33.10 -10.67 17.41
N VAL B 20 32.25 -9.67 17.63
CA VAL B 20 30.85 -9.69 17.22
C VAL B 20 30.48 -10.15 15.81
N CYS B 21 31.43 -10.18 14.89
CA CYS B 21 31.14 -10.63 13.53
C CYS B 21 30.65 -12.07 13.64
N ALA B 22 31.22 -12.78 14.59
CA ALA B 22 30.92 -14.18 14.83
C ALA B 22 29.48 -14.48 15.25
N ASN B 23 28.72 -13.43 15.63
CA ASN B 23 27.33 -13.66 16.01
C ASN B 23 26.47 -13.90 14.77
N CYS B 24 27.05 -13.65 13.59
CA CYS B 24 26.30 -13.82 12.36
C CYS B 24 27.04 -14.60 11.28
N HIS B 25 28.36 -14.63 11.36
CA HIS B 25 29.19 -15.39 10.42
C HIS B 25 29.57 -16.62 11.22
N LEU B 26 28.70 -17.61 11.12
CA LEU B 26 28.79 -18.85 11.87
C LEU B 26 29.87 -19.86 11.55
N ALA B 27 30.54 -19.72 10.41
CA ALA B 27 31.61 -20.65 10.04
C ALA B 27 32.97 -20.05 10.36
N GLN B 28 33.78 -20.79 11.10
CA GLN B 28 35.11 -20.33 11.48
C GLN B 28 36.09 -20.60 10.35
N LYS B 29 36.92 -19.62 10.05
CA LYS B 29 37.89 -19.78 8.97
C LYS B 29 39.12 -18.96 9.35
N ALA B 30 40.27 -19.62 9.45
CA ALA B 30 41.50 -18.96 9.85
C ALA B 30 41.88 -17.68 9.10
N VAL B 31 42.50 -16.77 9.83
CA VAL B 31 42.98 -15.51 9.28
C VAL B 31 44.36 -15.28 9.87
N GLU B 32 45.05 -14.26 9.37
CA GLU B 32 46.38 -13.95 9.87
C GLU B 32 46.62 -12.45 9.87
N ILE B 33 47.44 -12.01 10.80
CA ILE B 33 47.78 -10.62 10.89
C ILE B 33 49.18 -10.53 11.48
N GLU B 34 49.98 -9.62 10.93
CA GLU B 34 51.32 -9.43 11.44
C GLU B 34 51.67 -7.97 11.53
N VAL B 35 52.27 -7.62 12.65
CA VAL B 35 52.73 -6.26 12.90
C VAL B 35 54.13 -6.49 13.43
N PRO B 36 55.05 -5.53 13.22
CA PRO B 36 56.39 -5.79 13.77
C PRO B 36 56.26 -6.01 15.27
N GLN B 37 57.27 -6.62 15.89
CA GLN B 37 57.20 -6.85 17.32
C GLN B 37 57.26 -5.55 18.10
N ALA B 38 57.90 -4.54 17.52
CA ALA B 38 58.04 -3.26 18.18
C ALA B 38 58.09 -2.12 17.18
N VAL B 39 57.75 -0.92 17.65
CA VAL B 39 57.75 0.26 16.81
C VAL B 39 58.09 1.47 17.66
N LEU B 40 58.73 2.47 17.04
CA LEU B 40 59.10 3.68 17.74
C LEU B 40 57.88 4.60 17.83
N PRO B 41 57.91 5.56 18.76
CA PRO B 41 56.80 6.49 18.92
C PRO B 41 56.58 7.30 17.64
N ASP B 42 55.34 7.76 17.44
CA ASP B 42 54.97 8.55 16.27
C ASP B 42 55.62 8.03 14.98
N THR B 43 55.47 6.74 14.74
CA THR B 43 56.02 6.12 13.55
C THR B 43 54.93 5.38 12.82
N VAL B 44 55.03 5.39 11.49
CA VAL B 44 54.05 4.70 10.67
C VAL B 44 54.57 3.30 10.38
N PHE B 45 53.78 2.29 10.76
CA PHE B 45 54.16 0.92 10.49
C PHE B 45 52.99 0.22 9.78
N GLU B 46 53.23 -1.01 9.35
CA GLU B 46 52.22 -1.76 8.62
C GLU B 46 51.66 -2.96 9.36
N ALA B 47 50.38 -3.21 9.15
CA ALA B 47 49.70 -4.38 9.70
C ALA B 47 49.38 -5.13 8.42
N VAL B 48 49.87 -6.35 8.28
CA VAL B 48 49.60 -7.13 7.09
C VAL B 48 48.63 -8.25 7.46
N ILE B 49 47.41 -8.15 6.94
CA ILE B 49 46.39 -9.15 7.21
C ILE B 49 46.12 -10.07 6.03
N GLU B 50 45.80 -11.31 6.33
CA GLU B 50 45.49 -12.32 5.31
C GLU B 50 44.14 -12.91 5.63
N LEU B 51 43.28 -13.00 4.62
CA LEU B 51 41.93 -13.59 4.76
C LEU B 51 41.85 -14.65 3.67
N PRO B 52 42.66 -15.71 3.82
CA PRO B 52 42.70 -16.81 2.84
C PRO B 52 41.40 -17.55 2.59
N TYR B 53 41.23 -17.96 1.33
CA TYR B 53 40.08 -18.74 0.91
C TYR B 53 40.31 -19.20 -0.52
N ASP B 54 39.64 -20.28 -0.90
CA ASP B 54 39.76 -20.85 -2.23
C ASP B 54 39.06 -19.93 -3.25
N LYS B 55 39.82 -19.08 -3.93
CA LYS B 55 39.24 -18.16 -4.91
C LYS B 55 38.48 -18.82 -6.05
N GLN B 56 38.61 -20.14 -6.21
CA GLN B 56 37.90 -20.82 -7.28
C GLN B 56 36.49 -21.20 -6.87
N VAL B 57 36.23 -21.22 -5.57
CA VAL B 57 34.92 -21.57 -5.06
C VAL B 57 34.00 -20.36 -4.92
N LYS B 58 32.91 -20.39 -5.68
CA LYS B 58 31.94 -19.31 -5.67
C LYS B 58 30.97 -19.52 -4.52
N GLN B 59 30.41 -18.42 -4.00
CA GLN B 59 29.46 -18.49 -2.89
C GLN B 59 28.06 -18.23 -3.43
N VAL B 60 27.05 -18.45 -2.58
CA VAL B 60 25.67 -18.20 -2.94
C VAL B 60 25.42 -16.72 -2.70
N LEU B 61 24.85 -16.04 -3.70
CA LEU B 61 24.54 -14.62 -3.60
C LEU B 61 23.12 -14.41 -3.11
N ALA B 62 22.80 -13.20 -2.69
CA ALA B 62 21.46 -12.90 -2.19
C ALA B 62 20.40 -13.14 -3.26
N ASN B 63 20.79 -13.04 -4.53
CA ASN B 63 19.84 -13.24 -5.61
C ASN B 63 19.64 -14.72 -5.96
N GLY B 64 20.36 -15.58 -5.25
CA GLY B 64 20.22 -17.02 -5.49
C GLY B 64 21.30 -17.59 -6.40
N LYS B 65 21.98 -16.73 -7.13
CA LYS B 65 23.04 -17.18 -8.02
C LYS B 65 24.35 -17.38 -7.26
N LYS B 66 25.41 -17.73 -7.98
CA LYS B 66 26.72 -17.96 -7.38
C LYS B 66 27.65 -16.85 -7.83
N GLY B 67 28.62 -16.50 -6.99
CA GLY B 67 29.55 -15.44 -7.34
C GLY B 67 30.72 -15.29 -6.40
N ASP B 68 31.50 -14.23 -6.59
CA ASP B 68 32.68 -13.95 -5.76
C ASP B 68 32.33 -13.59 -4.32
N LEU B 69 33.35 -13.66 -3.46
CA LEU B 69 33.17 -13.32 -2.06
C LEU B 69 33.81 -11.98 -1.75
N ASN B 70 33.16 -11.24 -0.87
CA ASN B 70 33.66 -9.95 -0.43
C ASN B 70 34.29 -10.19 0.92
N VAL B 71 35.22 -9.33 1.29
CA VAL B 71 35.89 -9.47 2.56
C VAL B 71 35.76 -8.18 3.35
N GLY B 72 36.06 -8.27 4.63
CA GLY B 72 35.98 -7.12 5.51
C GLY B 72 36.63 -7.52 6.80
N MET B 73 36.87 -6.54 7.67
CA MET B 73 37.50 -6.86 8.92
C MET B 73 37.35 -5.74 9.92
N VAL B 74 37.76 -6.04 11.15
CA VAL B 74 37.75 -5.07 12.22
C VAL B 74 39.11 -5.30 12.86
N LEU B 75 39.80 -4.21 13.14
CA LEU B 75 41.13 -4.24 13.73
C LEU B 75 41.10 -3.42 15.02
N ILE B 76 41.32 -4.08 16.15
CA ILE B 76 41.31 -3.41 17.44
C ILE B 76 42.74 -3.11 17.89
N LEU B 77 43.15 -1.86 17.71
CA LEU B 77 44.50 -1.43 18.07
C LEU B 77 44.51 -0.85 19.47
N PRO B 78 45.70 -0.75 20.09
CA PRO B 78 45.82 -0.20 21.43
C PRO B 78 45.40 1.26 21.42
N GLU B 79 44.96 1.76 22.57
CA GLU B 79 44.54 3.14 22.69
C GLU B 79 45.69 4.00 22.20
N GLY B 80 45.38 5.08 21.49
CA GLY B 80 46.43 5.94 20.98
C GLY B 80 46.86 5.65 19.56
N PHE B 81 46.76 4.39 19.14
CA PHE B 81 47.12 4.04 17.76
C PHE B 81 45.97 4.43 16.84
N GLU B 82 46.28 4.79 15.61
CA GLU B 82 45.24 5.20 14.66
C GLU B 82 45.69 4.91 13.24
N LEU B 83 44.80 5.13 12.29
CA LEU B 83 45.13 4.94 10.89
C LEU B 83 46.11 6.07 10.60
N ALA B 84 47.20 5.76 9.90
CA ALA B 84 48.19 6.78 9.56
C ALA B 84 47.59 7.70 8.51
N PRO B 85 47.60 9.01 8.76
CA PRO B 85 47.06 9.98 7.79
C PRO B 85 47.83 9.83 6.49
N PRO B 86 47.23 10.22 5.36
CA PRO B 86 47.87 10.13 4.04
C PRO B 86 49.23 10.80 3.95
N ASP B 87 49.32 12.03 4.42
CA ASP B 87 50.57 12.78 4.38
C ASP B 87 51.71 12.04 5.10
N ARG B 88 51.35 11.10 5.97
CA ARG B 88 52.33 10.32 6.72
C ARG B 88 52.57 8.92 6.17
N VAL B 89 51.95 8.58 5.06
CA VAL B 89 52.12 7.27 4.45
C VAL B 89 52.95 7.36 3.17
N PRO B 90 54.10 6.69 3.14
CA PRO B 90 54.98 6.71 1.97
C PRO B 90 54.30 6.13 0.73
N ALA B 91 54.56 6.72 -0.43
CA ALA B 91 53.98 6.23 -1.66
C ALA B 91 54.18 4.72 -1.75
N GLU B 92 55.28 4.24 -1.21
CA GLU B 92 55.62 2.83 -1.22
C GLU B 92 54.50 2.02 -0.56
N ILE B 93 54.06 2.51 0.60
CA ILE B 93 53.00 1.84 1.35
C ILE B 93 51.62 2.11 0.76
N LYS B 94 51.34 3.34 0.37
CA LYS B 94 50.04 3.66 -0.21
C LYS B 94 49.77 2.73 -1.38
N GLU B 95 50.82 2.38 -2.11
CA GLU B 95 50.68 1.50 -3.25
C GLU B 95 50.30 0.10 -2.80
N LYS B 96 50.85 -0.33 -1.67
CA LYS B 96 50.54 -1.65 -1.14
C LYS B 96 49.11 -1.64 -0.58
N VAL B 97 48.77 -0.56 0.12
CA VAL B 97 47.45 -0.43 0.71
C VAL B 97 46.37 -0.53 -0.36
N GLY B 98 46.63 0.02 -1.54
CA GLY B 98 45.67 -0.03 -2.61
C GLY B 98 44.54 0.94 -2.35
N ASN B 99 43.44 0.80 -3.08
CA ASN B 99 42.31 1.71 -2.92
C ASN B 99 41.36 1.34 -1.78
N LEU B 100 41.90 1.18 -0.57
CA LEU B 100 41.07 0.83 0.58
C LEU B 100 40.77 2.05 1.43
N TYR B 101 39.58 2.09 2.00
CA TYR B 101 39.15 3.20 2.83
C TYR B 101 38.86 2.76 4.27
N TYR B 102 39.92 2.58 5.03
CA TYR B 102 39.81 2.18 6.43
C TYR B 102 39.11 3.29 7.22
N GLN B 103 38.15 2.91 8.04
CA GLN B 103 37.42 3.90 8.84
C GLN B 103 37.36 3.51 10.31
N PRO B 104 37.28 4.52 11.19
CA PRO B 104 37.21 4.25 12.62
C PRO B 104 35.88 3.55 12.90
N TYR B 105 35.86 2.68 13.90
CA TYR B 105 34.63 1.95 14.23
C TYR B 105 33.53 2.99 14.43
N SER B 106 33.89 4.07 15.13
CA SER B 106 32.99 5.20 15.39
C SER B 106 33.93 6.39 15.57
N PRO B 107 33.40 7.61 15.47
CA PRO B 107 34.27 8.78 15.63
C PRO B 107 35.05 8.80 16.94
N GLU B 108 34.55 8.08 17.94
CA GLU B 108 35.20 8.03 19.25
C GLU B 108 36.17 6.87 19.41
N GLN B 109 36.28 6.03 18.38
CA GLN B 109 37.16 4.87 18.43
C GLN B 109 38.11 4.79 17.25
N LYS B 110 38.99 5.79 17.15
CA LYS B 110 39.96 5.86 16.06
C LYS B 110 40.95 4.70 16.11
N ASN B 111 41.04 4.03 17.26
CA ASN B 111 41.97 2.92 17.41
C ASN B 111 41.39 1.60 16.89
N ILE B 112 40.13 1.63 16.47
CA ILE B 112 39.49 0.44 15.94
C ILE B 112 39.14 0.72 14.48
N LEU B 113 39.76 -0.04 13.58
CA LEU B 113 39.55 0.17 12.16
C LEU B 113 38.75 -0.94 11.49
N VAL B 114 37.94 -0.56 10.52
CA VAL B 114 37.15 -1.51 9.77
C VAL B 114 37.29 -1.17 8.30
N VAL B 115 37.00 -2.15 7.45
CA VAL B 115 37.04 -1.95 6.02
C VAL B 115 36.17 -3.05 5.44
N GLY B 116 35.62 -2.81 4.25
CA GLY B 116 34.77 -3.81 3.64
C GLY B 116 33.32 -3.40 3.71
N PRO B 117 32.46 -4.02 2.90
CA PRO B 117 32.82 -5.08 1.96
C PRO B 117 33.65 -4.60 0.77
N VAL B 118 34.64 -5.41 0.39
CA VAL B 118 35.52 -5.14 -0.75
C VAL B 118 35.77 -6.53 -1.35
N PRO B 119 36.05 -6.60 -2.66
CA PRO B 119 36.29 -7.89 -3.32
C PRO B 119 37.45 -8.69 -2.73
N GLY B 120 37.16 -9.94 -2.34
CA GLY B 120 38.20 -10.79 -1.80
C GLY B 120 39.22 -11.13 -2.89
N LYS B 121 38.77 -11.14 -4.13
CA LYS B 121 39.63 -11.43 -5.27
C LYS B 121 40.88 -10.55 -5.25
N LYS B 122 40.69 -9.28 -4.88
CA LYS B 122 41.79 -8.33 -4.85
C LYS B 122 42.31 -8.00 -3.45
N TYR B 123 41.45 -8.14 -2.44
CA TYR B 123 41.86 -7.80 -1.08
C TYR B 123 41.93 -8.93 -0.07
N SER B 124 42.14 -10.17 -0.53
CA SER B 124 42.25 -11.30 0.39
C SER B 124 43.44 -11.05 1.32
N GLU B 125 44.34 -10.18 0.89
CA GLU B 125 45.49 -9.80 1.71
C GLU B 125 45.47 -8.28 1.73
N MET B 126 45.52 -7.70 2.92
CA MET B 126 45.46 -6.26 3.07
C MET B 126 46.62 -5.69 3.87
N VAL B 127 46.92 -4.42 3.61
CA VAL B 127 47.97 -3.73 4.33
C VAL B 127 47.33 -2.51 4.97
N VAL B 128 47.52 -2.36 6.28
CA VAL B 128 46.95 -1.23 7.00
C VAL B 128 48.05 -0.33 7.55
N PRO B 129 48.12 0.92 7.08
CA PRO B 129 49.11 1.91 7.50
C PRO B 129 48.70 2.47 8.87
N ILE B 130 49.44 2.08 9.92
CA ILE B 130 49.13 2.52 11.27
C ILE B 130 50.14 3.53 11.81
N LEU B 131 49.65 4.53 12.52
CA LEU B 131 50.53 5.54 13.12
C LEU B 131 50.60 5.25 14.62
N SER B 132 51.79 4.98 15.13
CA SER B 132 51.95 4.71 16.55
C SER B 132 51.87 6.03 17.31
N PRO B 133 51.35 5.97 18.54
CA PRO B 133 51.20 7.15 19.40
C PRO B 133 52.56 7.60 19.95
N ASP B 134 52.52 8.61 20.79
CA ASP B 134 53.74 9.13 21.40
C ASP B 134 53.45 9.49 22.85
N PRO B 135 53.90 8.65 23.79
CA PRO B 135 53.71 8.86 25.23
C PRO B 135 54.23 10.22 25.70
N ALA B 136 54.99 10.89 24.84
CA ALA B 136 55.53 12.20 25.17
C ALA B 136 54.41 13.24 25.13
N LYS B 137 53.41 13.01 24.29
CA LYS B 137 52.29 13.93 24.15
C LYS B 137 50.99 13.29 24.66
N ASN B 138 50.76 12.05 24.28
CA ASN B 138 49.57 11.33 24.73
C ASN B 138 49.97 10.54 25.97
N LYS B 139 49.79 11.15 27.14
CA LYS B 139 50.18 10.51 28.39
C LYS B 139 49.27 9.37 28.85
N ASN B 140 48.27 9.05 28.04
CA ASN B 140 47.36 7.95 28.36
C ASN B 140 48.01 6.65 27.88
N VAL B 141 49.07 6.78 27.11
CA VAL B 141 49.77 5.61 26.60
C VAL B 141 51.21 5.63 27.11
N SER B 142 51.79 4.45 27.27
CA SER B 142 53.16 4.36 27.73
C SER B 142 53.92 3.37 26.87
N TYR B 143 55.16 3.11 27.24
CA TYR B 143 56.05 2.21 26.50
C TYR B 143 55.89 0.75 26.90
N LEU B 144 54.72 0.20 26.64
CA LEU B 144 54.47 -1.19 27.01
C LEU B 144 54.24 -2.09 25.82
N LYS B 145 53.98 -3.35 26.14
CA LYS B 145 53.65 -4.37 25.17
C LYS B 145 52.13 -4.32 25.19
N TYR B 146 51.55 -3.97 24.04
CA TYR B 146 50.10 -3.85 23.89
C TYR B 146 49.50 -4.94 23.00
N PRO B 147 48.32 -5.45 23.37
CA PRO B 147 47.67 -6.49 22.56
C PRO B 147 46.96 -5.88 21.36
N ILE B 148 46.79 -6.69 20.31
CA ILE B 148 46.08 -6.26 19.11
C ILE B 148 45.11 -7.38 18.79
N TYR B 149 43.86 -7.04 18.50
CA TYR B 149 42.84 -8.04 18.19
C TYR B 149 42.36 -7.84 16.76
N PHE B 150 42.19 -8.95 16.05
CA PHE B 150 41.77 -8.89 14.66
C PHE B 150 40.65 -9.87 14.37
N GLY B 151 39.71 -9.40 13.56
CA GLY B 151 38.58 -10.23 13.14
C GLY B 151 38.44 -10.00 11.64
N GLY B 152 38.59 -11.06 10.85
CA GLY B 152 38.48 -10.91 9.42
C GLY B 152 37.48 -11.87 8.81
N ASN B 153 36.66 -11.36 7.90
CA ASN B 153 35.66 -12.19 7.26
C ASN B 153 35.67 -12.17 5.74
N ARG B 154 35.08 -13.21 5.17
CA ARG B 154 34.91 -13.32 3.73
C ARG B 154 33.61 -14.12 3.54
N GLY B 155 32.78 -13.69 2.59
CA GLY B 155 31.52 -14.39 2.35
C GLY B 155 30.36 -13.82 3.13
N ARG B 156 29.16 -14.02 2.59
CA ARG B 156 27.96 -13.51 3.22
C ARG B 156 27.57 -14.24 4.51
N GLY B 157 27.06 -13.47 5.45
CA GLY B 157 26.65 -14.02 6.74
C GLY B 157 25.40 -14.86 6.71
N GLN B 158 25.09 -15.48 7.85
CA GLN B 158 23.95 -16.37 7.98
C GLN B 158 22.68 -15.76 8.56
N VAL B 159 22.83 -14.68 9.32
CA VAL B 159 21.68 -14.04 9.93
C VAL B 159 21.81 -12.52 9.96
N TYR B 160 20.69 -11.83 9.80
CA TYR B 160 20.69 -10.36 9.82
C TYR B 160 20.49 -9.82 11.23
N PRO B 161 20.66 -8.51 11.41
CA PRO B 161 20.49 -7.86 12.72
C PRO B 161 19.14 -8.16 13.38
N ASP B 162 18.09 -8.36 12.58
CA ASP B 162 16.77 -8.62 13.14
C ASP B 162 16.47 -10.10 13.35
N GLY B 163 17.48 -10.95 13.17
CA GLY B 163 17.29 -12.37 13.39
C GLY B 163 16.84 -13.19 12.19
N LYS B 164 16.51 -12.53 11.09
CA LYS B 164 16.09 -13.26 9.91
C LYS B 164 17.32 -13.96 9.33
N LYS B 165 17.09 -15.12 8.74
CA LYS B 165 18.17 -15.89 8.13
C LYS B 165 18.43 -15.35 6.73
N SER B 166 19.67 -15.50 6.26
CA SER B 166 20.00 -15.10 4.91
C SER B 166 19.77 -16.38 4.11
N ASN B 167 19.98 -16.33 2.80
CA ASN B 167 19.81 -17.52 1.99
C ASN B 167 21.14 -18.26 1.91
N ASN B 168 22.13 -17.82 2.69
CA ASN B 168 23.43 -18.48 2.68
C ASN B 168 23.62 -19.30 3.94
N THR B 169 22.62 -20.11 4.26
CA THR B 169 22.68 -20.94 5.46
C THR B 169 21.74 -22.13 5.30
N ILE B 170 21.75 -23.01 6.30
CA ILE B 170 20.93 -24.21 6.32
C ILE B 170 19.47 -23.91 6.71
N TYR B 171 18.53 -24.52 6.00
CA TYR B 171 17.13 -24.35 6.33
C TYR B 171 16.60 -25.66 6.90
N ASN B 172 15.86 -25.56 8.01
CA ASN B 172 15.34 -26.74 8.68
C ASN B 172 13.82 -26.77 8.75
N ALA B 173 13.27 -27.97 8.87
CA ALA B 173 11.81 -28.15 8.94
C ALA B 173 11.24 -27.44 10.16
N SER B 174 10.11 -26.77 9.96
CA SER B 174 9.43 -26.04 11.03
C SER B 174 8.70 -27.00 11.96
N ALA B 175 8.31 -28.15 11.44
CA ALA B 175 7.59 -29.14 12.24
C ALA B 175 7.77 -30.54 11.68
N ALA B 176 7.58 -31.53 12.55
CA ALA B 176 7.71 -32.93 12.14
C ALA B 176 6.49 -33.37 11.34
N GLY B 177 6.75 -34.10 10.27
CA GLY B 177 5.66 -34.57 9.43
C GLY B 177 6.19 -35.19 8.16
N LYS B 178 5.31 -35.40 7.19
CA LYS B 178 5.73 -35.97 5.92
C LYS B 178 5.60 -34.92 4.83
N ILE B 179 6.63 -34.80 4.00
CA ILE B 179 6.61 -33.83 2.92
C ILE B 179 5.61 -34.30 1.87
N VAL B 180 4.45 -33.65 1.84
CA VAL B 180 3.41 -34.01 0.89
C VAL B 180 3.57 -33.28 -0.43
N ALA B 181 4.41 -32.25 -0.44
CA ALA B 181 4.62 -31.48 -1.66
C ALA B 181 5.83 -30.55 -1.61
N ILE B 182 6.47 -30.39 -2.76
CA ILE B 182 7.63 -29.49 -2.91
C ILE B 182 7.42 -28.75 -4.23
N THR B 183 7.25 -27.43 -4.14
CA THR B 183 7.03 -26.61 -5.33
C THR B 183 8.07 -25.50 -5.40
N ALA B 184 8.23 -24.91 -6.58
CA ALA B 184 9.18 -23.81 -6.78
C ALA B 184 8.61 -22.53 -6.19
N LEU B 185 9.39 -21.88 -5.32
CA LEU B 185 8.96 -20.63 -4.70
C LEU B 185 8.77 -19.60 -5.80
N SER B 186 9.69 -19.62 -6.77
CA SER B 186 9.66 -18.71 -7.91
C SER B 186 9.77 -19.54 -9.18
N GLU B 187 8.86 -19.31 -10.12
CA GLU B 187 8.88 -20.04 -11.39
C GLU B 187 10.21 -19.94 -12.11
N LYS B 188 10.80 -18.75 -12.14
CA LYS B 188 12.05 -18.54 -12.84
C LYS B 188 13.27 -18.17 -11.98
N LYS B 189 13.05 -17.85 -10.71
CA LYS B 189 14.16 -17.44 -9.86
C LYS B 189 14.60 -18.47 -8.81
N GLY B 190 13.96 -19.64 -8.80
CA GLY B 190 14.35 -20.66 -7.85
C GLY B 190 13.61 -20.60 -6.52
N GLY B 191 14.18 -21.26 -5.51
CA GLY B 191 13.54 -21.26 -4.21
C GLY B 191 12.54 -22.40 -4.17
N PHE B 192 12.16 -22.83 -2.97
CA PHE B 192 11.23 -23.93 -2.81
C PHE B 192 10.20 -23.70 -1.70
N GLU B 193 9.10 -24.43 -1.78
CA GLU B 193 8.05 -24.39 -0.77
C GLU B 193 7.78 -25.84 -0.41
N VAL B 194 8.23 -26.22 0.79
CA VAL B 194 8.07 -27.58 1.27
C VAL B 194 6.85 -27.71 2.17
N SER B 195 5.90 -28.53 1.73
CA SER B 195 4.68 -28.75 2.50
C SER B 195 4.84 -29.97 3.40
N ILE B 196 4.75 -29.75 4.71
CA ILE B 196 4.89 -30.82 5.68
C ILE B 196 3.56 -31.13 6.36
N GLU B 197 3.05 -32.34 6.14
CA GLU B 197 1.79 -32.75 6.75
C GLU B 197 2.13 -33.42 8.07
N LYS B 198 1.79 -32.76 9.17
CA LYS B 198 2.07 -33.34 10.48
C LYS B 198 0.95 -34.22 11.00
N ALA B 199 1.32 -35.19 11.85
CA ALA B 199 0.42 -36.17 12.45
C ALA B 199 -1.08 -35.83 12.47
N ASN B 200 -1.43 -34.66 13.01
CA ASN B 200 -2.83 -34.28 13.09
C ASN B 200 -3.38 -33.66 11.81
N GLY B 201 -2.90 -34.17 10.67
CA GLY B 201 -3.36 -33.69 9.38
C GLY B 201 -3.03 -32.26 8.99
N GLU B 202 -2.68 -31.42 9.96
CA GLU B 202 -2.36 -30.03 9.64
C GLU B 202 -1.15 -29.96 8.70
N VAL B 203 -1.13 -28.94 7.85
CA VAL B 203 -0.04 -28.75 6.90
C VAL B 203 0.60 -27.38 7.03
N VAL B 204 1.94 -27.36 7.07
CA VAL B 204 2.67 -26.11 7.14
C VAL B 204 3.54 -26.06 5.89
N VAL B 205 3.89 -24.86 5.46
CA VAL B 205 4.70 -24.69 4.27
C VAL B 205 5.95 -23.89 4.56
N ASP B 206 7.11 -24.54 4.46
CA ASP B 206 8.36 -23.84 4.70
C ASP B 206 8.89 -23.30 3.38
N LYS B 207 9.15 -22.00 3.38
CA LYS B 207 9.67 -21.32 2.21
C LYS B 207 11.18 -21.29 2.28
N ILE B 208 11.83 -21.82 1.26
CA ILE B 208 13.29 -21.85 1.19
C ILE B 208 13.71 -21.04 -0.02
N PRO B 209 14.45 -19.95 0.22
CA PRO B 209 14.91 -19.08 -0.87
C PRO B 209 15.85 -19.81 -1.82
N ALA B 210 16.10 -19.21 -2.98
CA ALA B 210 17.03 -19.78 -3.94
C ALA B 210 18.42 -19.63 -3.31
N GLY B 211 19.27 -20.64 -3.46
CA GLY B 211 20.60 -20.57 -2.88
C GLY B 211 20.98 -21.94 -2.37
N PRO B 212 20.43 -22.36 -1.23
CA PRO B 212 20.75 -23.69 -0.69
C PRO B 212 20.06 -24.74 -1.56
N ASP B 213 20.55 -25.97 -1.48
CA ASP B 213 19.96 -27.06 -2.27
C ASP B 213 19.20 -27.98 -1.33
N LEU B 214 18.04 -28.46 -1.79
CA LEU B 214 17.24 -29.36 -0.97
C LEU B 214 17.93 -30.72 -0.85
N ILE B 215 17.86 -31.30 0.33
CA ILE B 215 18.44 -32.62 0.56
C ILE B 215 17.29 -33.56 0.90
N VAL B 216 16.06 -33.08 0.70
CA VAL B 216 14.87 -33.86 0.99
C VAL B 216 14.02 -34.07 -0.26
N LYS B 217 13.11 -35.03 -0.20
CA LYS B 217 12.21 -35.35 -1.29
C LYS B 217 10.77 -35.46 -0.82
N GLU B 218 9.85 -35.34 -1.77
CA GLU B 218 8.44 -35.47 -1.47
C GLU B 218 8.24 -36.92 -1.05
N GLY B 219 7.33 -37.15 -0.11
CA GLY B 219 7.07 -38.50 0.35
C GLY B 219 7.95 -38.84 1.55
N GLN B 220 9.01 -38.08 1.72
CA GLN B 220 9.93 -38.28 2.82
C GLN B 220 9.37 -37.71 4.12
N THR B 221 9.69 -38.36 5.23
CA THR B 221 9.24 -37.92 6.54
C THR B 221 10.43 -37.29 7.27
N VAL B 222 10.20 -36.13 7.86
CA VAL B 222 11.24 -35.43 8.57
C VAL B 222 10.82 -35.15 9.99
N GLN B 223 11.76 -34.72 10.81
CA GLN B 223 11.49 -34.39 12.20
C GLN B 223 11.69 -32.89 12.33
N ALA B 224 11.08 -32.29 13.34
CA ALA B 224 11.22 -30.85 13.54
C ALA B 224 12.69 -30.46 13.55
N ASP B 225 13.00 -29.32 12.95
CA ASP B 225 14.37 -28.81 12.89
C ASP B 225 15.33 -29.62 12.04
N GLN B 226 14.84 -30.68 11.41
CA GLN B 226 15.69 -31.51 10.55
C GLN B 226 16.05 -30.67 9.34
N PRO B 227 17.34 -30.62 8.97
CA PRO B 227 17.77 -29.84 7.81
C PRO B 227 17.06 -30.26 6.53
N LEU B 228 16.59 -29.28 5.76
CA LEU B 228 15.90 -29.53 4.50
C LEU B 228 16.85 -29.21 3.36
N THR B 229 17.97 -28.59 3.67
CA THR B 229 18.95 -28.21 2.65
C THR B 229 20.37 -28.43 3.13
N ASN B 230 21.31 -28.18 2.23
CA ASN B 230 22.73 -28.31 2.54
C ASN B 230 23.08 -26.98 3.19
N ASN B 231 24.36 -26.75 3.38
CA ASN B 231 24.82 -25.48 3.93
C ASN B 231 25.60 -24.88 2.76
N PRO B 232 25.02 -23.88 2.08
CA PRO B 232 25.65 -23.22 0.94
C PRO B 232 26.89 -22.39 1.30
N ASN B 233 27.01 -22.02 2.57
CA ASN B 233 28.14 -21.19 3.01
C ASN B 233 29.52 -21.78 2.74
N VAL B 234 30.36 -21.02 2.05
CA VAL B 234 31.72 -21.44 1.75
C VAL B 234 32.71 -20.40 2.26
N GLY B 235 32.17 -19.40 2.95
CA GLY B 235 33.01 -18.34 3.49
C GLY B 235 33.32 -18.61 4.95
N GLY B 236 33.69 -17.57 5.69
CA GLY B 236 34.00 -17.79 7.10
C GLY B 236 34.63 -16.61 7.79
N PHE B 237 34.55 -16.62 9.11
CA PHE B 237 35.11 -15.57 9.95
C PHE B 237 36.20 -16.13 10.83
N GLY B 238 37.32 -15.41 10.92
CA GLY B 238 38.41 -15.86 11.76
C GLY B 238 38.97 -14.71 12.59
N GLN B 239 39.56 -15.04 13.74
CA GLN B 239 40.14 -14.03 14.60
C GLN B 239 41.60 -14.36 14.86
N ALA B 240 42.37 -13.37 15.26
CA ALA B 240 43.76 -13.54 15.59
C ALA B 240 44.10 -12.48 16.61
N GLU B 241 45.16 -12.73 17.37
CA GLU B 241 45.60 -11.81 18.39
C GLU B 241 47.12 -11.76 18.35
N THR B 242 47.67 -10.56 18.42
CA THR B 242 49.11 -10.43 18.41
C THR B 242 49.46 -9.32 19.39
N GLU B 243 50.69 -8.84 19.36
CA GLU B 243 51.10 -7.80 20.28
C GLU B 243 52.18 -6.94 19.68
N ILE B 244 52.38 -5.76 20.26
CA ILE B 244 53.39 -4.85 19.76
C ILE B 244 53.95 -4.00 20.90
N VAL B 245 55.25 -3.77 20.86
CA VAL B 245 55.90 -2.98 21.88
C VAL B 245 56.12 -1.56 21.39
N LEU B 246 55.73 -0.60 22.21
CA LEU B 246 55.91 0.80 21.87
C LEU B 246 57.25 1.13 22.53
N GLN B 247 58.28 1.30 21.69
CA GLN B 247 59.63 1.57 22.15
C GLN B 247 59.83 2.95 22.77
N ASN B 248 60.82 3.03 23.65
CA ASN B 248 61.17 4.27 24.33
C ASN B 248 62.62 4.52 23.94
N PRO B 249 62.82 5.24 22.83
CA PRO B 249 64.13 5.59 22.27
C PRO B 249 65.08 6.24 23.26
N ALA B 250 66.35 5.86 23.16
CA ALA B 250 67.38 6.40 24.03
C ALA B 250 67.40 7.91 23.83
N ARG B 251 67.74 8.64 24.88
CA ARG B 251 67.78 10.10 24.83
C ARG B 251 69.20 10.64 24.86
N TYR C 1 -18.06 20.91 -7.53
CA TYR C 1 -19.10 21.28 -8.52
C TYR C 1 -18.93 20.34 -9.71
N PRO C 2 -19.91 20.34 -10.64
CA PRO C 2 -19.79 19.48 -11.81
C PRO C 2 -18.49 19.86 -12.53
N VAL C 3 -18.12 21.13 -12.43
CA VAL C 3 -16.91 21.60 -13.08
C VAL C 3 -15.67 20.93 -12.46
N PHE C 4 -15.71 20.61 -11.17
CA PHE C 4 -14.56 19.94 -10.57
C PHE C 4 -14.35 18.59 -11.26
N ALA C 5 -15.43 17.91 -11.58
CA ALA C 5 -15.34 16.62 -12.24
C ALA C 5 -14.78 16.86 -13.65
N GLN C 6 -15.33 17.87 -14.33
CA GLN C 6 -14.90 18.22 -15.67
C GLN C 6 -13.40 18.54 -15.70
N GLN C 7 -12.96 19.37 -14.76
CA GLN C 7 -11.55 19.77 -14.69
C GLN C 7 -10.60 18.68 -14.21
N ASN C 8 -11.13 17.67 -13.54
CA ASN C 8 -10.27 16.62 -13.00
C ASN C 8 -10.45 15.20 -13.52
N TYR C 9 -11.57 14.93 -14.18
CA TYR C 9 -11.80 13.60 -14.72
C TYR C 9 -12.27 13.65 -16.16
N ALA C 10 -11.53 12.99 -17.05
CA ALA C 10 -11.87 12.96 -18.46
C ALA C 10 -13.19 12.22 -18.69
N ASN C 11 -13.39 11.12 -17.98
CA ASN C 11 -14.62 10.34 -18.10
C ASN C 11 -15.30 10.29 -16.73
N PRO C 12 -16.46 10.96 -16.60
CA PRO C 12 -17.22 11.00 -15.35
C PRO C 12 -17.76 9.65 -14.86
N ARG C 13 -17.71 8.64 -15.71
CA ARG C 13 -18.21 7.32 -15.32
C ARG C 13 -17.17 6.22 -15.41
N GLU C 14 -16.98 5.50 -14.30
CA GLU C 14 -16.00 4.42 -14.24
C GLU C 14 -16.65 3.11 -14.71
N ALA C 15 -15.81 2.14 -15.07
CA ALA C 15 -16.25 0.84 -15.57
C ALA C 15 -17.41 0.18 -14.83
N ASN C 16 -17.34 0.12 -13.50
CA ASN C 16 -18.40 -0.52 -12.73
C ASN C 16 -19.67 0.33 -12.61
N GLY C 17 -19.63 1.56 -13.12
CA GLY C 17 -20.81 2.41 -13.06
C GLY C 17 -20.67 3.63 -12.17
N ARG C 18 -19.75 3.58 -11.22
CA ARG C 18 -19.51 4.68 -10.29
C ARG C 18 -19.23 5.99 -11.01
N ILE C 19 -19.94 7.04 -10.62
CA ILE C 19 -19.74 8.36 -11.22
C ILE C 19 -18.83 9.16 -10.29
N VAL C 20 -17.80 9.77 -10.87
CA VAL C 20 -16.78 10.51 -10.11
C VAL C 20 -17.19 11.48 -9.00
N CYS C 21 -18.43 11.97 -9.01
CA CYS C 21 -18.88 12.89 -7.97
C CYS C 21 -18.69 12.23 -6.61
N ALA C 22 -18.84 10.91 -6.59
CA ALA C 22 -18.73 10.12 -5.37
C ALA C 22 -17.38 10.29 -4.68
N ASN C 23 -16.36 10.69 -5.44
CA ASN C 23 -15.05 10.87 -4.84
C ASN C 23 -14.98 11.97 -3.79
N CYS C 24 -15.84 12.98 -3.91
CA CYS C 24 -15.82 14.09 -2.96
C CYS C 24 -17.12 14.30 -2.21
N HIS C 25 -18.18 13.68 -2.71
CA HIS C 25 -19.50 13.73 -2.07
C HIS C 25 -19.70 12.36 -1.48
N LEU C 26 -19.17 12.21 -0.27
CA LEU C 26 -19.18 10.97 0.46
C LEU C 26 -20.52 10.40 0.92
N ALA C 27 -21.54 11.26 1.05
CA ALA C 27 -22.85 10.80 1.48
C ALA C 27 -23.67 10.25 0.31
N GLN C 28 -24.31 9.12 0.54
CA GLN C 28 -25.13 8.44 -0.45
C GLN C 28 -26.61 8.85 -0.30
N LYS C 29 -27.21 9.32 -1.39
CA LYS C 29 -28.61 9.73 -1.33
C LYS C 29 -29.29 9.42 -2.67
N ALA C 30 -30.28 8.55 -2.62
CA ALA C 30 -31.01 8.12 -3.82
C ALA C 30 -31.51 9.25 -4.72
N VAL C 31 -31.54 8.95 -6.01
CA VAL C 31 -32.02 9.88 -7.03
C VAL C 31 -32.83 9.05 -8.02
N GLU C 32 -33.53 9.71 -8.92
CA GLU C 32 -34.34 9.01 -9.91
C GLU C 32 -34.25 9.69 -11.26
N ILE C 33 -34.44 8.89 -12.31
CA ILE C 33 -34.44 9.41 -13.66
C ILE C 33 -35.48 8.64 -14.48
N GLU C 34 -36.24 9.36 -15.29
CA GLU C 34 -37.25 8.74 -16.12
C GLU C 34 -37.24 9.33 -17.53
N VAL C 35 -37.33 8.44 -18.52
CA VAL C 35 -37.38 8.85 -19.92
C VAL C 35 -38.44 7.96 -20.57
N PRO C 36 -38.93 8.36 -21.75
CA PRO C 36 -39.94 7.53 -22.42
C PRO C 36 -39.31 6.18 -22.78
N GLN C 37 -40.12 5.13 -22.76
CA GLN C 37 -39.62 3.81 -23.10
C GLN C 37 -38.93 3.77 -24.44
N ALA C 38 -39.40 4.58 -25.39
CA ALA C 38 -38.81 4.61 -26.73
C ALA C 38 -38.95 5.98 -27.39
N VAL C 39 -38.18 6.20 -28.45
CA VAL C 39 -38.24 7.48 -29.16
C VAL C 39 -37.77 7.34 -30.60
N LEU C 40 -38.44 8.06 -31.50
CA LEU C 40 -38.07 8.02 -32.91
C LEU C 40 -36.79 8.82 -33.13
N PRO C 41 -36.10 8.58 -34.26
CA PRO C 41 -34.86 9.29 -34.56
C PRO C 41 -35.14 10.79 -34.73
N ASP C 42 -34.14 11.60 -34.43
CA ASP C 42 -34.25 13.05 -34.56
C ASP C 42 -35.53 13.61 -33.93
N THR C 43 -35.77 13.22 -32.68
CA THR C 43 -36.95 13.67 -31.95
C THR C 43 -36.51 14.14 -30.57
N VAL C 44 -37.16 15.17 -30.06
CA VAL C 44 -36.84 15.68 -28.73
C VAL C 44 -37.68 14.99 -27.66
N PHE C 45 -37.00 14.30 -26.74
CA PHE C 45 -37.72 13.65 -25.64
C PHE C 45 -37.23 14.27 -24.34
N GLU C 46 -38.03 14.15 -23.29
CA GLU C 46 -37.66 14.75 -22.02
C GLU C 46 -37.18 13.72 -21.01
N ALA C 47 -36.04 14.02 -20.39
CA ALA C 47 -35.49 13.17 -19.36
C ALA C 47 -35.89 13.90 -18.08
N VAL C 48 -36.62 13.23 -17.20
CA VAL C 48 -37.03 13.86 -15.96
C VAL C 48 -36.20 13.28 -14.83
N ILE C 49 -35.44 14.15 -14.18
CA ILE C 49 -34.57 13.73 -13.10
C ILE C 49 -34.99 14.33 -11.76
N GLU C 50 -34.81 13.55 -10.70
CA GLU C 50 -35.18 14.00 -9.36
C GLU C 50 -34.03 13.85 -8.38
N LEU C 51 -33.88 14.86 -7.53
CA LEU C 51 -32.83 14.88 -6.51
C LEU C 51 -33.54 15.26 -5.21
N PRO C 52 -34.46 14.41 -4.74
CA PRO C 52 -35.24 14.61 -3.52
C PRO C 52 -34.44 14.73 -2.23
N TYR C 53 -34.90 15.64 -1.36
CA TYR C 53 -34.28 15.85 -0.06
C TYR C 53 -35.19 16.76 0.74
N ASP C 54 -35.10 16.68 2.05
CA ASP C 54 -35.92 17.50 2.91
C ASP C 54 -35.46 18.95 2.79
N LYS C 55 -36.24 19.78 2.09
CA LYS C 55 -35.88 21.19 1.93
C LYS C 55 -35.89 21.98 3.24
N GLN C 56 -36.40 21.38 4.31
CA GLN C 56 -36.45 22.08 5.59
C GLN C 56 -35.14 21.92 6.36
N VAL C 57 -34.34 20.93 5.99
CA VAL C 57 -33.07 20.69 6.64
C VAL C 57 -32.01 21.55 5.97
N LYS C 58 -31.48 22.52 6.72
CA LYS C 58 -30.47 23.42 6.19
C LYS C 58 -29.10 22.75 6.30
N GLN C 59 -28.18 23.13 5.42
CA GLN C 59 -26.85 22.56 5.44
C GLN C 59 -25.86 23.62 5.89
N VAL C 60 -24.67 23.17 6.22
CA VAL C 60 -23.59 24.07 6.62
C VAL C 60 -23.06 24.72 5.34
N LEU C 61 -22.96 26.06 5.35
CA LEU C 61 -22.46 26.82 4.22
C LEU C 61 -20.96 27.07 4.40
N ALA C 62 -20.30 27.53 3.33
CA ALA C 62 -18.88 27.80 3.40
C ALA C 62 -18.55 28.85 4.45
N ASN C 63 -19.43 29.84 4.62
CA ASN C 63 -19.18 30.89 5.61
C ASN C 63 -19.38 30.41 7.04
N GLY C 64 -19.84 29.17 7.21
CA GLY C 64 -20.05 28.65 8.55
C GLY C 64 -21.50 28.66 9.01
N LYS C 65 -22.34 29.41 8.30
CA LYS C 65 -23.76 29.48 8.66
C LYS C 65 -24.53 28.32 8.02
N LYS C 66 -25.80 28.21 8.36
CA LYS C 66 -26.65 27.16 7.81
C LYS C 66 -27.50 27.79 6.71
N GLY C 67 -27.76 27.04 5.65
CA GLY C 67 -28.55 27.60 4.56
C GLY C 67 -29.02 26.59 3.54
N ASP C 68 -29.56 27.10 2.44
CA ASP C 68 -30.07 26.25 1.37
C ASP C 68 -28.99 25.44 0.67
N LEU C 69 -29.40 24.34 0.08
CA LEU C 69 -28.51 23.47 -0.66
C LEU C 69 -28.71 23.70 -2.14
N ASN C 70 -27.65 23.48 -2.90
CA ASN C 70 -27.73 23.60 -4.34
C ASN C 70 -27.62 22.20 -4.90
N VAL C 71 -28.05 22.02 -6.14
CA VAL C 71 -27.99 20.72 -6.77
C VAL C 71 -27.22 20.77 -8.07
N GLY C 72 -26.81 19.59 -8.51
CA GLY C 72 -26.07 19.49 -9.75
C GLY C 72 -26.15 18.05 -10.21
N MET C 73 -25.76 17.80 -11.46
CA MET C 73 -25.82 16.44 -11.96
C MET C 73 -25.00 16.28 -13.22
N VAL C 74 -24.70 15.03 -13.55
CA VAL C 74 -23.99 14.70 -14.78
C VAL C 74 -24.88 13.64 -15.41
N LEU C 75 -25.15 13.79 -16.69
CA LEU C 75 -26.01 12.85 -17.40
C LEU C 75 -25.22 12.26 -18.56
N ILE C 76 -25.09 10.94 -18.57
CA ILE C 76 -24.35 10.26 -19.61
C ILE C 76 -25.28 9.60 -20.62
N LEU C 77 -25.35 10.20 -21.81
CA LEU C 77 -26.19 9.72 -22.89
C LEU C 77 -25.36 8.95 -23.90
N PRO C 78 -26.00 8.06 -24.68
CA PRO C 78 -25.26 7.29 -25.68
C PRO C 78 -24.76 8.26 -26.75
N GLU C 79 -23.68 7.90 -27.43
CA GLU C 79 -23.13 8.75 -28.48
C GLU C 79 -24.26 9.07 -29.48
N GLY C 80 -24.22 10.27 -30.04
CA GLY C 80 -25.25 10.66 -30.98
C GLY C 80 -26.33 11.47 -30.30
N PHE C 81 -26.64 11.13 -29.05
CA PHE C 81 -27.66 11.87 -28.30
C PHE C 81 -27.03 13.14 -27.75
N GLU C 82 -27.77 14.25 -27.85
CA GLU C 82 -27.27 15.53 -27.36
C GLU C 82 -28.39 16.40 -26.82
N LEU C 83 -28.02 17.50 -26.19
CA LEU C 83 -29.00 18.44 -25.68
C LEU C 83 -29.75 18.94 -26.91
N ALA C 84 -31.07 19.00 -26.83
CA ALA C 84 -31.86 19.48 -27.95
C ALA C 84 -31.61 20.97 -28.16
N PRO C 85 -31.31 21.39 -29.41
CA PRO C 85 -31.07 22.80 -29.66
C PRO C 85 -32.33 23.58 -29.30
N PRO C 86 -32.18 24.84 -28.87
CA PRO C 86 -33.36 25.63 -28.51
C PRO C 86 -34.41 25.66 -29.62
N ASP C 87 -33.95 25.81 -30.86
CA ASP C 87 -34.84 25.85 -32.01
C ASP C 87 -35.63 24.56 -32.23
N ARG C 88 -35.29 23.52 -31.49
CA ARG C 88 -35.97 22.24 -31.60
C ARG C 88 -36.83 21.93 -30.39
N VAL C 89 -36.69 22.73 -29.34
CA VAL C 89 -37.46 22.53 -28.12
C VAL C 89 -38.74 23.35 -28.10
N PRO C 90 -39.90 22.67 -28.10
CA PRO C 90 -41.20 23.34 -28.10
C PRO C 90 -41.33 24.30 -26.91
N ALA C 91 -42.15 25.34 -27.08
CA ALA C 91 -42.36 26.32 -26.03
C ALA C 91 -42.75 25.69 -24.70
N GLU C 92 -43.65 24.70 -24.77
CA GLU C 92 -44.12 24.01 -23.58
C GLU C 92 -42.97 23.39 -22.78
N ILE C 93 -42.07 22.71 -23.49
CA ILE C 93 -40.94 22.06 -22.86
C ILE C 93 -39.93 23.06 -22.30
N LYS C 94 -39.68 24.15 -23.03
CA LYS C 94 -38.75 25.17 -22.54
C LYS C 94 -39.25 25.72 -21.23
N GLU C 95 -40.57 25.79 -21.08
CA GLU C 95 -41.17 26.30 -19.87
C GLU C 95 -40.95 25.31 -18.72
N LYS C 96 -40.98 24.01 -19.02
CA LYS C 96 -40.75 23.00 -17.99
C LYS C 96 -39.28 22.99 -17.58
N VAL C 97 -38.41 23.08 -18.57
CA VAL C 97 -36.96 23.08 -18.34
C VAL C 97 -36.58 24.28 -17.48
N GLY C 98 -37.11 25.44 -17.83
CA GLY C 98 -36.80 26.64 -17.07
C GLY C 98 -35.50 27.30 -17.49
N ASN C 99 -34.94 28.08 -16.58
CA ASN C 99 -33.70 28.79 -16.85
C ASN C 99 -32.47 27.96 -16.54
N LEU C 100 -32.48 26.71 -16.98
CA LEU C 100 -31.35 25.82 -16.76
C LEU C 100 -30.44 25.83 -17.98
N TYR C 101 -29.15 25.76 -17.71
CA TYR C 101 -28.18 25.77 -18.77
C TYR C 101 -27.35 24.49 -18.76
N TYR C 102 -27.84 23.50 -19.50
CA TYR C 102 -27.17 22.23 -19.60
C TYR C 102 -25.96 22.42 -20.49
N GLN C 103 -24.80 21.95 -20.03
CA GLN C 103 -23.56 22.10 -20.80
C GLN C 103 -22.89 20.76 -21.02
N PRO C 104 -22.27 20.57 -22.21
CA PRO C 104 -21.59 19.32 -22.52
C PRO C 104 -20.43 19.16 -21.54
N TYR C 105 -20.15 17.93 -21.11
CA TYR C 105 -19.06 17.68 -20.17
C TYR C 105 -17.80 18.39 -20.70
N SER C 106 -17.62 18.29 -22.02
CA SER C 106 -16.52 18.92 -22.73
C SER C 106 -17.01 19.08 -24.17
N PRO C 107 -16.35 19.93 -24.96
CA PRO C 107 -16.74 20.14 -26.36
C PRO C 107 -16.76 18.86 -27.19
N GLU C 108 -15.94 17.88 -26.79
CA GLU C 108 -15.87 16.60 -27.51
C GLU C 108 -16.81 15.56 -26.93
N GLN C 109 -17.61 15.95 -25.94
CA GLN C 109 -18.54 15.02 -25.31
C GLN C 109 -19.92 15.65 -25.12
N LYS C 110 -20.60 15.89 -26.24
CA LYS C 110 -21.92 16.49 -26.21
C LYS C 110 -22.96 15.48 -25.70
N ASN C 111 -22.58 14.21 -25.68
CA ASN C 111 -23.48 13.15 -25.21
C ASN C 111 -23.44 13.04 -23.68
N ILE C 112 -22.69 13.93 -23.04
CA ILE C 112 -22.60 13.97 -21.58
C ILE C 112 -22.92 15.39 -21.16
N LEU C 113 -23.98 15.55 -20.36
CA LEU C 113 -24.39 16.88 -19.92
C LEU C 113 -24.32 17.09 -18.41
N VAL C 114 -24.09 18.34 -18.02
CA VAL C 114 -24.03 18.71 -16.62
C VAL C 114 -24.80 20.00 -16.38
N VAL C 115 -25.24 20.20 -15.14
CA VAL C 115 -25.92 21.41 -14.71
C VAL C 115 -25.58 21.57 -13.25
N GLY C 116 -25.62 22.80 -12.77
CA GLY C 116 -25.33 23.04 -11.36
C GLY C 116 -24.01 23.76 -11.18
N PRO C 117 -23.82 24.41 -10.03
CA PRO C 117 -24.80 24.50 -8.94
C PRO C 117 -26.01 25.39 -9.25
N VAL C 118 -27.20 24.89 -8.89
CA VAL C 118 -28.47 25.62 -9.04
C VAL C 118 -29.27 25.33 -7.77
N PRO C 119 -30.11 26.28 -7.34
CA PRO C 119 -30.92 26.09 -6.12
C PRO C 119 -31.77 24.83 -6.07
N GLY C 120 -31.53 23.98 -5.09
CA GLY C 120 -32.31 22.76 -4.96
C GLY C 120 -33.77 23.04 -4.66
N LYS C 121 -34.05 24.15 -4.01
CA LYS C 121 -35.42 24.52 -3.67
C LYS C 121 -36.26 24.67 -4.94
N LYS C 122 -35.61 25.07 -6.02
CA LYS C 122 -36.33 25.26 -7.28
C LYS C 122 -36.04 24.17 -8.32
N TYR C 123 -34.92 23.47 -8.16
CA TYR C 123 -34.55 22.44 -9.13
C TYR C 123 -34.33 21.03 -8.58
N SER C 124 -35.03 20.68 -7.51
CA SER C 124 -34.91 19.34 -6.93
C SER C 124 -35.36 18.34 -7.99
N GLU C 125 -36.17 18.83 -8.93
CA GLU C 125 -36.62 18.02 -10.06
C GLU C 125 -36.31 18.84 -11.31
N MET C 126 -35.79 18.18 -12.34
CA MET C 126 -35.46 18.89 -13.57
C MET C 126 -35.84 18.10 -14.81
N VAL C 127 -36.05 18.85 -15.90
CA VAL C 127 -36.40 18.28 -17.18
C VAL C 127 -35.28 18.63 -18.14
N VAL C 128 -34.76 17.62 -18.82
CA VAL C 128 -33.67 17.82 -19.76
C VAL C 128 -34.14 17.46 -21.16
N PRO C 129 -34.17 18.47 -22.06
CA PRO C 129 -34.59 18.28 -23.45
C PRO C 129 -33.48 17.57 -24.24
N ILE C 130 -33.73 16.33 -24.66
CA ILE C 130 -32.73 15.57 -25.40
C ILE C 130 -33.17 15.32 -26.84
N LEU C 131 -32.21 15.40 -27.77
CA LEU C 131 -32.50 15.14 -29.17
C LEU C 131 -31.90 13.79 -29.55
N SER C 132 -32.74 12.88 -30.03
CA SER C 132 -32.28 11.56 -30.43
C SER C 132 -31.56 11.67 -31.77
N PRO C 133 -30.50 10.87 -31.96
CA PRO C 133 -29.72 10.88 -33.21
C PRO C 133 -30.52 10.20 -34.31
N ASP C 134 -29.98 10.21 -35.52
CA ASP C 134 -30.65 9.61 -36.67
C ASP C 134 -29.70 8.59 -37.32
N PRO C 135 -29.97 7.29 -37.14
CA PRO C 135 -29.13 6.24 -37.71
C PRO C 135 -28.95 6.36 -39.22
N ALA C 136 -29.94 6.94 -39.89
CA ALA C 136 -29.89 7.10 -41.34
C ALA C 136 -28.72 7.98 -41.75
N LYS C 137 -28.39 8.96 -40.92
CA LYS C 137 -27.29 9.88 -41.21
C LYS C 137 -26.08 9.64 -40.31
N ASN C 138 -26.33 9.13 -39.11
CA ASN C 138 -25.26 8.87 -38.14
C ASN C 138 -25.00 7.36 -38.07
N LYS C 139 -23.94 6.92 -38.76
CA LYS C 139 -23.60 5.50 -38.77
C LYS C 139 -23.10 5.00 -37.43
N ASN C 140 -22.74 5.92 -36.54
CA ASN C 140 -22.23 5.57 -35.22
C ASN C 140 -23.35 5.17 -34.27
N VAL C 141 -24.60 5.40 -34.69
CA VAL C 141 -25.75 5.07 -33.87
C VAL C 141 -26.63 4.11 -34.65
N SER C 142 -27.34 3.25 -33.92
CA SER C 142 -28.22 2.28 -34.57
C SER C 142 -29.53 2.12 -33.78
N TYR C 143 -30.44 1.30 -34.30
CA TYR C 143 -31.73 1.08 -33.64
C TYR C 143 -31.59 0.04 -32.54
N LEU C 144 -31.15 0.49 -31.38
CA LEU C 144 -30.95 -0.37 -30.22
C LEU C 144 -31.61 0.20 -28.97
N LYS C 145 -31.52 -0.58 -27.90
CA LYS C 145 -32.05 -0.15 -26.62
C LYS C 145 -30.80 0.44 -25.98
N TYR C 146 -30.84 1.75 -25.75
CA TYR C 146 -29.70 2.46 -25.17
C TYR C 146 -29.81 2.80 -23.69
N PRO C 147 -28.72 2.59 -22.94
CA PRO C 147 -28.67 2.87 -21.51
C PRO C 147 -28.44 4.38 -21.29
N ILE C 148 -28.91 4.89 -20.17
CA ILE C 148 -28.71 6.29 -19.82
C ILE C 148 -28.32 6.33 -18.35
N TYR C 149 -27.14 6.89 -18.09
CA TYR C 149 -26.61 6.97 -16.75
C TYR C 149 -26.75 8.36 -16.17
N PHE C 150 -27.15 8.43 -14.91
CA PHE C 150 -27.36 9.70 -14.24
C PHE C 150 -26.70 9.74 -12.86
N GLY C 151 -26.16 10.91 -12.52
CA GLY C 151 -25.52 11.10 -11.24
C GLY C 151 -25.99 12.46 -10.74
N GLY C 152 -26.71 12.46 -9.61
CA GLY C 152 -27.22 13.71 -9.09
C GLY C 152 -26.79 13.97 -7.66
N ASN C 153 -26.41 15.23 -7.38
CA ASN C 153 -25.99 15.61 -6.05
C ASN C 153 -26.70 16.84 -5.52
N ARG C 154 -26.81 16.88 -4.19
CA ARG C 154 -27.38 18.04 -3.50
C ARG C 154 -26.50 18.24 -2.27
N GLY C 155 -26.14 19.48 -1.99
CA GLY C 155 -25.32 19.75 -0.83
C GLY C 155 -23.84 19.88 -1.12
N ARG C 156 -23.14 20.64 -0.30
CA ARG C 156 -21.72 20.83 -0.50
C ARG C 156 -20.88 19.58 -0.26
N GLY C 157 -19.83 19.42 -1.05
CA GLY C 157 -18.96 18.27 -0.92
C GLY C 157 -18.09 18.31 0.32
N GLN C 158 -17.36 17.22 0.57
CA GLN C 158 -16.51 17.10 1.75
C GLN C 158 -15.02 17.36 1.51
N VAL C 159 -14.60 17.35 0.27
CA VAL C 159 -13.19 17.57 -0.05
C VAL C 159 -13.01 18.19 -1.43
N TYR C 160 -11.99 19.03 -1.57
CA TYR C 160 -11.71 19.71 -2.83
C TYR C 160 -10.73 18.94 -3.71
N PRO C 161 -10.52 19.40 -4.95
CA PRO C 161 -9.61 18.76 -5.89
C PRO C 161 -8.21 18.51 -5.34
N ASP C 162 -7.71 19.40 -4.48
CA ASP C 162 -6.37 19.22 -3.93
C ASP C 162 -6.31 18.43 -2.64
N GLY C 163 -7.44 17.87 -2.21
CA GLY C 163 -7.45 17.08 -0.99
C GLY C 163 -7.86 17.80 0.28
N LYS C 164 -7.92 19.13 0.25
CA LYS C 164 -8.33 19.85 1.43
C LYS C 164 -9.78 19.53 1.73
N LYS C 165 -10.11 19.54 3.02
CA LYS C 165 -11.46 19.25 3.46
C LYS C 165 -12.29 20.51 3.53
N SER C 166 -13.59 20.39 3.25
CA SER C 166 -14.49 21.53 3.34
C SER C 166 -14.87 21.56 4.80
N ASN C 167 -15.73 22.49 5.19
CA ASN C 167 -16.17 22.57 6.58
C ASN C 167 -17.45 21.76 6.76
N ASN C 168 -17.86 21.09 5.69
CA ASN C 168 -19.07 20.27 5.74
C ASN C 168 -18.66 18.80 5.75
N THR C 169 -17.93 18.43 6.81
CA THR C 169 -17.47 17.07 6.99
C THR C 169 -16.94 16.89 8.40
N ILE C 170 -16.49 15.68 8.71
CA ILE C 170 -15.97 15.37 10.04
C ILE C 170 -14.52 15.76 10.20
N TYR C 171 -14.18 16.34 11.35
CA TYR C 171 -12.80 16.70 11.64
C TYR C 171 -12.33 15.75 12.75
N ASN C 172 -11.14 15.18 12.55
CA ASN C 172 -10.58 14.23 13.50
C ASN C 172 -9.25 14.70 14.05
N ALA C 173 -8.89 14.20 15.24
CA ALA C 173 -7.64 14.58 15.88
C ALA C 173 -6.46 14.22 14.98
N SER C 174 -5.56 15.17 14.79
CA SER C 174 -4.39 14.95 13.95
C SER C 174 -3.34 14.15 14.71
N ALA C 175 -3.58 13.95 16.00
CA ALA C 175 -2.65 13.21 16.84
C ALA C 175 -3.31 12.75 18.13
N ALA C 176 -2.77 11.67 18.70
CA ALA C 176 -3.29 11.13 19.95
C ALA C 176 -2.73 11.96 21.10
N GLY C 177 -3.54 12.17 22.13
CA GLY C 177 -3.10 12.94 23.27
C GLY C 177 -4.26 13.47 24.09
N LYS C 178 -3.97 14.40 24.98
CA LYS C 178 -5.00 14.98 25.83
C LYS C 178 -5.27 16.43 25.44
N ILE C 179 -6.55 16.75 25.25
CA ILE C 179 -6.95 18.10 24.88
C ILE C 179 -6.69 19.03 26.04
N VAL C 180 -5.67 19.88 25.91
CA VAL C 180 -5.32 20.81 26.97
C VAL C 180 -5.94 22.19 26.81
N ALA C 181 -6.53 22.45 25.64
CA ALA C 181 -7.14 23.76 25.41
C ALA C 181 -8.00 23.83 24.16
N ILE C 182 -9.16 24.48 24.28
CA ILE C 182 -10.08 24.67 23.16
C ILE C 182 -10.39 26.15 23.07
N THR C 183 -9.95 26.78 21.99
CA THR C 183 -10.17 28.21 21.78
C THR C 183 -10.95 28.47 20.51
N ALA C 184 -11.66 29.59 20.47
CA ALA C 184 -12.45 29.97 19.29
C ALA C 184 -11.52 30.40 18.17
N LEU C 185 -11.73 29.83 16.98
CA LEU C 185 -10.90 30.17 15.83
C LEU C 185 -11.10 31.66 15.52
N SER C 186 -12.36 32.03 15.33
CA SER C 186 -12.74 33.42 15.06
C SER C 186 -13.56 33.89 16.25
N GLU C 187 -13.23 35.05 16.79
CA GLU C 187 -13.98 35.58 17.92
C GLU C 187 -15.45 35.72 17.57
N LYS C 188 -15.73 36.21 16.36
CA LYS C 188 -17.09 36.45 15.93
C LYS C 188 -17.66 35.50 14.88
N LYS C 189 -16.79 34.87 14.09
CA LYS C 189 -17.24 33.97 13.03
C LYS C 189 -17.33 32.51 13.42
N GLY C 190 -16.95 32.17 14.64
CA GLY C 190 -17.01 30.79 15.08
C GLY C 190 -15.75 30.00 14.76
N GLY C 191 -15.86 28.68 14.78
CA GLY C 191 -14.70 27.84 14.51
C GLY C 191 -13.96 27.58 15.80
N PHE C 192 -13.07 26.59 15.80
CA PHE C 192 -12.33 26.28 17.01
C PHE C 192 -10.89 25.87 16.74
N GLU C 193 -10.09 25.91 17.81
CA GLU C 193 -8.69 25.51 17.78
C GLU C 193 -8.48 24.61 18.99
N VAL C 194 -8.38 23.31 18.73
CA VAL C 194 -8.19 22.32 19.79
C VAL C 194 -6.74 21.93 19.95
N SER C 195 -6.19 22.24 21.12
CA SER C 195 -4.79 21.91 21.43
C SER C 195 -4.72 20.52 22.03
N ILE C 196 -3.98 19.65 21.36
CA ILE C 196 -3.81 18.27 21.81
C ILE C 196 -2.38 18.03 22.26
N GLU C 197 -2.22 17.64 23.52
CA GLU C 197 -0.89 17.36 24.06
C GLU C 197 -0.52 15.91 23.76
N LYS C 198 0.34 15.73 22.77
CA LYS C 198 0.78 14.41 22.35
C LYS C 198 1.46 13.63 23.48
N ALA C 199 1.65 12.33 23.26
CA ALA C 199 2.29 11.47 24.25
C ALA C 199 3.79 11.69 24.30
N ASN C 200 4.22 12.88 23.91
CA ASN C 200 5.64 13.22 23.92
C ASN C 200 5.82 14.68 24.31
N GLY C 201 4.87 15.19 25.09
CA GLY C 201 4.93 16.57 25.53
C GLY C 201 4.53 17.59 24.49
N GLU C 202 4.98 17.39 23.24
CA GLU C 202 4.67 18.30 22.16
C GLU C 202 3.16 18.52 22.01
N VAL C 203 2.78 19.79 21.89
CA VAL C 203 1.38 20.18 21.76
C VAL C 203 1.03 20.58 20.33
N VAL C 204 -0.06 20.03 19.81
CA VAL C 204 -0.52 20.35 18.46
C VAL C 204 -1.87 21.04 18.51
N VAL C 205 -2.09 21.95 17.55
CA VAL C 205 -3.34 22.68 17.51
C VAL C 205 -4.08 22.37 16.21
N ASP C 206 -5.27 21.79 16.35
CA ASP C 206 -6.10 21.44 15.21
C ASP C 206 -7.15 22.51 14.99
N LYS C 207 -7.13 23.12 13.82
CA LYS C 207 -8.11 24.15 13.49
C LYS C 207 -9.37 23.52 12.96
N ILE C 208 -10.51 23.96 13.49
CA ILE C 208 -11.79 23.46 13.07
C ILE C 208 -12.60 24.67 12.62
N PRO C 209 -12.93 24.72 11.33
CA PRO C 209 -13.70 25.83 10.76
C PRO C 209 -15.10 25.87 11.33
N ALA C 210 -15.75 27.03 11.22
CA ALA C 210 -17.12 27.17 11.67
C ALA C 210 -17.93 26.24 10.75
N GLY C 211 -18.97 25.64 11.30
CA GLY C 211 -19.80 24.74 10.51
C GLY C 211 -20.14 23.53 11.35
N PRO C 212 -19.23 22.56 11.47
CA PRO C 212 -19.42 21.34 12.24
C PRO C 212 -19.42 21.66 13.73
N ASP C 213 -19.99 20.78 14.55
CA ASP C 213 -20.03 21.00 15.99
C ASP C 213 -19.02 20.13 16.72
N LEU C 214 -18.43 20.67 17.78
CA LEU C 214 -17.46 19.92 18.57
C LEU C 214 -18.13 18.88 19.43
N ILE C 215 -17.48 17.73 19.58
CA ILE C 215 -18.02 16.65 20.40
C ILE C 215 -16.97 16.23 21.43
N VAL C 216 -15.99 17.11 21.65
CA VAL C 216 -14.94 16.86 22.61
C VAL C 216 -14.78 18.07 23.53
N LYS C 217 -14.37 17.83 24.77
CA LYS C 217 -14.19 18.90 25.74
C LYS C 217 -12.74 19.05 26.19
N GLU C 218 -12.45 20.17 26.84
CA GLU C 218 -11.10 20.44 27.33
C GLU C 218 -10.75 19.42 28.41
N GLY C 219 -9.51 18.92 28.36
CA GLY C 219 -9.07 17.94 29.34
C GLY C 219 -9.30 16.52 28.87
N GLN C 220 -10.14 16.36 27.85
CA GLN C 220 -10.45 15.05 27.29
C GLN C 220 -9.27 14.49 26.51
N THR C 221 -9.18 13.16 26.45
CA THR C 221 -8.11 12.51 25.70
C THR C 221 -8.71 11.87 24.46
N VAL C 222 -7.96 11.93 23.35
CA VAL C 222 -8.43 11.36 22.10
C VAL C 222 -7.34 10.58 21.38
N GLN C 223 -7.76 9.63 20.53
CA GLN C 223 -6.82 8.82 19.78
C GLN C 223 -6.57 9.43 18.41
N ALA C 224 -5.53 8.94 17.73
CA ALA C 224 -5.17 9.46 16.41
C ALA C 224 -6.35 9.37 15.44
N ASP C 225 -6.69 10.50 14.85
CA ASP C 225 -7.79 10.59 13.89
C ASP C 225 -9.11 10.15 14.51
N GLN C 226 -9.39 10.68 15.70
CA GLN C 226 -10.63 10.37 16.40
C GLN C 226 -11.54 11.58 16.17
N PRO C 227 -12.84 11.33 15.95
CA PRO C 227 -13.80 12.42 15.73
C PRO C 227 -13.81 13.52 16.77
N LEU C 228 -13.52 14.74 16.33
CA LEU C 228 -13.52 15.90 17.22
C LEU C 228 -14.85 16.62 17.02
N THR C 229 -15.53 16.29 15.93
CA THR C 229 -16.81 16.89 15.61
C THR C 229 -17.80 15.87 15.12
N ASN C 230 -19.03 16.33 14.88
CA ASN C 230 -20.08 15.48 14.37
C ASN C 230 -19.86 15.52 12.86
N ASN C 231 -20.83 15.02 12.11
CA ASN C 231 -20.76 15.04 10.65
C ASN C 231 -21.96 15.92 10.28
N PRO C 232 -21.71 17.22 10.03
CA PRO C 232 -22.72 18.22 9.66
C PRO C 232 -23.40 18.00 8.32
N ASN C 233 -22.80 17.17 7.48
CA ASN C 233 -23.33 16.92 6.14
C ASN C 233 -24.76 16.35 6.10
N VAL C 234 -25.66 17.08 5.44
CA VAL C 234 -27.06 16.68 5.31
C VAL C 234 -27.44 16.40 3.84
N GLY C 235 -26.48 16.61 2.93
CA GLY C 235 -26.75 16.36 1.53
C GLY C 235 -26.23 15.01 1.10
N GLY C 236 -26.19 14.77 -0.20
CA GLY C 236 -25.68 13.49 -0.68
C GLY C 236 -25.72 13.31 -2.19
N PHE C 237 -24.97 12.33 -2.67
CA PHE C 237 -24.89 12.03 -4.09
C PHE C 237 -25.55 10.68 -4.33
N GLY C 238 -26.22 10.55 -5.48
CA GLY C 238 -26.88 9.29 -5.80
C GLY C 238 -26.84 9.05 -7.29
N GLN C 239 -26.95 7.78 -7.67
CA GLN C 239 -26.94 7.43 -9.08
C GLN C 239 -28.18 6.63 -9.44
N ALA C 240 -28.62 6.82 -10.67
CA ALA C 240 -29.79 6.14 -11.17
C ALA C 240 -29.46 5.84 -12.62
N GLU C 241 -30.17 4.87 -13.18
CA GLU C 241 -29.92 4.48 -14.55
C GLU C 241 -31.24 4.14 -15.21
N THR C 242 -31.26 4.16 -16.53
CA THR C 242 -32.46 3.80 -17.25
C THR C 242 -32.09 3.45 -18.68
N GLU C 243 -33.09 3.30 -19.55
CA GLU C 243 -32.83 2.94 -20.93
C GLU C 243 -33.94 3.42 -21.85
N ILE C 244 -33.59 3.61 -23.11
CA ILE C 244 -34.57 4.07 -24.08
C ILE C 244 -34.31 3.40 -25.41
N VAL C 245 -35.39 3.02 -26.10
CA VAL C 245 -35.26 2.36 -27.38
C VAL C 245 -35.28 3.34 -28.54
N LEU C 246 -34.23 3.30 -29.36
CA LEU C 246 -34.17 4.17 -30.52
C LEU C 246 -34.96 3.43 -31.59
N GLN C 247 -36.20 3.85 -31.79
CA GLN C 247 -37.10 3.22 -32.75
C GLN C 247 -36.82 3.50 -34.22
N ASN C 248 -37.06 2.48 -35.04
CA ASN C 248 -36.90 2.59 -36.47
C ASN C 248 -38.30 2.68 -37.05
N PRO C 249 -38.63 3.80 -37.71
CA PRO C 249 -39.96 3.98 -38.31
C PRO C 249 -40.22 2.91 -39.37
N ALA C 250 -41.40 2.31 -39.32
CA ALA C 250 -41.76 1.28 -40.31
C ALA C 250 -42.00 1.96 -41.66
N ARG C 251 -42.79 1.31 -42.51
CA ARG C 251 -43.09 1.85 -43.85
C ARG C 251 -41.81 2.08 -44.64
CHA HEM D . -15.30 -1.69 -4.53
CHB HEM D . -10.54 -2.40 -3.98
CHC HEM D . -10.96 -0.88 0.59
CHD HEM D . -15.74 -0.93 0.20
C1A HEM D . -13.96 -1.92 -4.79
C2A HEM D . -13.44 -2.22 -6.09
C3A HEM D . -12.10 -2.46 -5.94
C4A HEM D . -11.81 -2.29 -4.54
CMA HEM D . -11.18 -3.02 -7.01
CAA HEM D . -14.26 -2.40 -7.37
CBA HEM D . -14.54 -3.89 -7.47
CGA HEM D . -15.36 -4.24 -8.68
O1A HEM D . -15.47 -5.46 -8.97
O2A HEM D . -15.92 -3.32 -9.33
C1B HEM D . -10.27 -2.11 -2.64
C2B HEM D . -8.95 -2.09 -2.06
C3B HEM D . -9.04 -1.40 -0.89
C4B HEM D . -10.45 -1.30 -0.63
CMB HEM D . -7.76 -2.89 -2.56
CAB HEM D . -8.05 -0.79 -0.09
CBB HEM D . -6.69 -0.62 -0.32
C1C HEM D . -12.30 -0.73 0.87
C2C HEM D . -12.81 -0.12 2.07
C3C HEM D . -14.16 -0.02 1.90
C4C HEM D . -14.45 -0.72 0.67
CMC HEM D . -12.00 0.23 3.33
CAC HEM D . -15.11 0.73 2.64
CBC HEM D . -14.95 1.44 3.82
C1D HEM D . -16.02 -1.20 -1.11
C2D HEM D . -17.36 -1.17 -1.66
C3D HEM D . -17.23 -1.37 -2.96
C4D HEM D . -15.82 -1.46 -3.27
CMD HEM D . -18.67 -0.97 -0.92
CAD HEM D . -18.39 -1.55 -3.93
CBD HEM D . -18.76 -0.25 -4.59
CGD HEM D . -19.99 -0.37 -5.47
O1D HEM D . -21.09 -0.58 -4.94
O2D HEM D . -19.84 -0.27 -6.71
NA HEM D . -12.96 -1.95 -3.83
NB HEM D . -11.19 -1.67 -1.73
NC HEM D . -13.31 -1.02 -0.02
ND HEM D . -15.08 -1.38 -2.11
FE HEM D . -13.13 -1.55 -1.93
CHA HEM E . 27.87 -9.77 4.75
CHB HEM E . 31.95 -8.58 7.06
CHC HEM E . 29.50 -8.46 11.21
CHD HEM E . 25.65 -10.26 9.01
C1A HEM E . 29.17 -9.35 5.01
C2A HEM E . 30.17 -9.03 3.99
C3A HEM E . 31.30 -8.70 4.65
C4A HEM E . 31.02 -8.84 6.07
CMA HEM E . 32.66 -8.30 4.05
CAA HEM E . 29.94 -9.22 2.49
CBA HEM E . 30.43 -10.61 2.13
CGA HEM E . 30.09 -11.01 0.71
O1A HEM E . 30.69 -12.00 0.22
O2A HEM E . 29.21 -10.37 0.09
C1B HEM E . 31.64 -8.54 8.41
C2B HEM E . 32.57 -8.05 9.40
C3B HEM E . 31.79 -7.78 10.47
C4B HEM E . 30.50 -8.37 10.25
CMB HEM E . 34.10 -8.04 9.30
CAB HEM E . 32.02 -6.87 11.54
CBB HEM E . 33.18 -6.26 11.95
C1C HEM E . 28.20 -8.83 10.95
C2C HEM E . 27.12 -8.79 11.91
C3C HEM E . 26.00 -9.17 11.23
C4C HEM E . 26.45 -9.62 9.94
CMC HEM E . 27.29 -8.59 13.41
CAC HEM E . 24.63 -9.12 11.62
CBC HEM E . 24.03 -8.42 12.67
C1D HEM E . 25.97 -10.42 7.68
C2D HEM E . 25.02 -10.91 6.69
C3D HEM E . 25.62 -10.68 5.50
C4D HEM E . 26.94 -10.11 5.74
CMD HEM E . 23.70 -11.62 6.91
CAD HEM E . 24.99 -11.01 4.18
CBD HEM E . 24.41 -9.80 3.48
CGD HEM E . 23.80 -10.15 2.13
O1D HEM E . 22.65 -10.63 2.08
O2D HEM E . 24.51 -9.97 1.12
NA HEM E . 29.71 -9.19 6.29
NB HEM E . 30.37 -8.72 8.93
NC HEM E . 27.77 -9.27 9.71
ND HEM E . 27.15 -9.97 7.09
FE HEM E . 28.74 -9.30 8.01
CHA HEM F . -20.13 21.60 -4.21
CHB HEM F . -22.32 18.92 -7.60
CHC HEM F . -18.16 16.57 -8.39
CHD HEM F . -16.30 18.75 -4.47
C1A HEM F . -21.03 21.14 -5.17
C2A HEM F . -22.34 21.72 -5.36
C3A HEM F . -22.95 20.97 -6.31
C4A HEM F . -22.04 19.91 -6.66
CMA HEM F . -24.31 21.25 -6.91
CAA HEM F . -22.92 22.84 -4.51
CBA HEM F . -23.89 22.31 -3.47
CGA HEM F . -24.32 23.37 -2.48
O1A HEM F . -25.23 23.10 -1.67
O2A HEM F . -23.74 24.48 -2.52
C1B HEM F . -21.40 18.00 -8.04
C2B HEM F . -21.65 17.10 -9.15
C3B HEM F . -20.42 16.69 -9.55
C4B HEM F . -19.48 17.06 -8.51
CMB HEM F . -23.02 16.60 -9.61
CAB HEM F . -20.04 16.18 -10.81
CBB HEM F . -20.86 15.85 -11.90
C1C HEM F . -17.27 17.01 -7.41
C2C HEM F . -15.85 16.64 -7.33
C3C HEM F . -15.32 17.42 -6.34
C4C HEM F . -16.44 18.05 -5.68
CMC HEM F . -15.15 15.53 -8.11
CAC HEM F . -13.98 17.77 -6.07
CBC HEM F . -12.79 17.26 -6.55
C1D HEM F . -17.24 19.61 -3.98
C2D HEM F . -17.01 20.49 -2.85
C3D HEM F . -18.02 21.36 -2.86
C4D HEM F . -18.92 20.99 -3.95
CMD HEM F . -15.88 20.48 -1.81
CAD HEM F . -18.18 22.44 -1.83
CBD HEM F . -17.94 23.84 -2.37
CGD HEM F . -18.10 24.90 -1.30
O1D HEM F . -17.16 25.11 -0.50
O2D HEM F . -19.18 25.51 -1.25
NA HEM F . -20.84 20.03 -5.97
NB HEM F . -20.07 17.94 -7.63
NC HEM F . -17.59 17.92 -6.43
ND HEM F . -18.43 19.90 -4.63
FE HEM F . -19.26 18.89 -6.15
#